data_7CIN
#
_entry.id   7CIN
#
_cell.length_a   60.854
_cell.length_b   64.484
_cell.length_c   176.299
_cell.angle_alpha   90.000
_cell.angle_beta   90.000
_cell.angle_gamma   90.000
#
_symmetry.space_group_name_H-M   'P 21 21 21'
#
loop_
_entity.id
_entity.type
_entity.pdbx_description
1 polymer Beta-lactamase
2 non-polymer 'SULFATE ION'
3 water water
#
_entity_poly.entity_id   1
_entity_poly.type   'polypeptide(L)'
_entity_poly.pdbx_seq_one_letter_code
;MHHHHHHPQQINDIVHRTITPLIEQQKIPGMAVAVIYQGKPYYFTWGYADIAKKQPVTQQTLFELGSVSKTFTGVLGGDA
IARGEIKLSDPATKYWPELTAKQWNGITLLHLATYTAGGLPLQVPDEVKSSSDLLRFYQNWQPAWAPGTQRLYANSSIGL
FGALAVKPSGLSFEQAMQTRVFQPLKLNHTWINVPPPEEKNYAWGYREGKAVHVSPGALDAEAYGVKSTIEDMARWVRSN
MNPRDINDKTLQQGIQLAQSRYWQTGDMYQGLGWEMLDWPVNPDSIINGSGNKIALAAAAHPVKAITPPTPAVRASWVHK
TGATGGFGSYVAFIPEKELGIVMLANKNYPNPARVAAAWQILNALQ
;
_entity_poly.pdbx_strand_id   A,B
#
loop_
_chem_comp.id
_chem_comp.type
_chem_comp.name
_chem_comp.formula
SO4 non-polymer 'SULFATE ION' 'O4 S -2'
#
# COMPACT_ATOMS: atom_id res chain seq x y z
N GLN A 10 -38.63 -10.92 0.73
CA GLN A 10 -37.58 -11.89 1.03
C GLN A 10 -36.68 -12.10 -0.19
N ILE A 11 -35.60 -12.85 0.02
CA ILE A 11 -34.63 -13.09 -1.03
C ILE A 11 -35.25 -13.88 -2.18
N ASN A 12 -36.04 -14.91 -1.86
CA ASN A 12 -36.62 -15.76 -2.90
C ASN A 12 -37.48 -14.94 -3.87
N ASP A 13 -38.24 -13.98 -3.36
CA ASP A 13 -39.15 -13.25 -4.25
C ASP A 13 -38.39 -12.35 -5.21
N ILE A 14 -37.40 -11.61 -4.72
CA ILE A 14 -36.68 -10.71 -5.62
C ILE A 14 -35.84 -11.52 -6.61
N VAL A 15 -35.28 -12.65 -6.18
CA VAL A 15 -34.48 -13.46 -7.10
C VAL A 15 -35.34 -13.99 -8.23
N HIS A 16 -36.48 -14.60 -7.88
CA HIS A 16 -37.35 -15.14 -8.93
C HIS A 16 -37.87 -14.04 -9.83
N ARG A 17 -38.28 -12.92 -9.23
CA ARG A 17 -38.87 -11.82 -9.97
C ARG A 17 -37.89 -11.21 -10.96
N THR A 18 -36.59 -11.29 -10.67
CA THR A 18 -35.55 -10.75 -11.54
C THR A 18 -35.02 -11.78 -12.54
N ILE A 19 -34.69 -12.98 -12.06
CA ILE A 19 -33.97 -13.93 -12.91
C ILE A 19 -34.90 -14.60 -13.92
N THR A 20 -36.15 -14.87 -13.52
CA THR A 20 -37.06 -15.55 -14.45
C THR A 20 -37.27 -14.73 -15.72
N PRO A 21 -37.54 -13.42 -15.68
CA PRO A 21 -37.60 -12.67 -16.94
C PRO A 21 -36.26 -12.60 -17.67
N LEU A 22 -35.15 -12.48 -16.94
CA LEU A 22 -33.84 -12.46 -17.60
C LEU A 22 -33.63 -13.74 -18.39
N ILE A 23 -33.93 -14.88 -17.79
CA ILE A 23 -33.74 -16.15 -18.49
C ILE A 23 -34.62 -16.21 -19.73
N GLU A 24 -35.82 -15.67 -19.64
CA GLU A 24 -36.73 -15.67 -20.77
C GLU A 24 -36.25 -14.72 -21.86
N GLN A 25 -35.86 -13.49 -21.46
CA GLN A 25 -35.43 -12.51 -22.45
C GLN A 25 -34.18 -12.97 -23.19
N GLN A 26 -33.23 -13.56 -22.49
CA GLN A 26 -31.95 -13.95 -23.06
C GLN A 26 -31.90 -15.40 -23.53
N LYS A 27 -32.98 -16.16 -23.32
CA LYS A 27 -33.05 -17.57 -23.73
C LYS A 27 -31.88 -18.37 -23.15
N ILE A 28 -31.69 -18.23 -21.85
CA ILE A 28 -30.57 -18.87 -21.15
C ILE A 28 -30.94 -20.32 -20.85
N PRO A 29 -30.12 -21.29 -21.27
CA PRO A 29 -30.53 -22.70 -21.09
C PRO A 29 -30.46 -23.18 -19.65
N GLY A 30 -29.48 -22.71 -18.88
CA GLY A 30 -29.32 -23.14 -17.50
C GLY A 30 -28.64 -22.05 -16.71
N MET A 31 -28.93 -21.98 -15.42
CA MET A 31 -28.39 -20.88 -14.64
C MET A 31 -28.34 -21.26 -13.18
N ALA A 32 -27.30 -20.78 -12.49
CA ALA A 32 -27.21 -20.91 -11.05
C ALA A 32 -26.91 -19.54 -10.45
N VAL A 33 -27.58 -19.21 -9.36
CA VAL A 33 -27.41 -17.95 -8.66
C VAL A 33 -27.17 -18.25 -7.19
N ALA A 34 -26.22 -17.54 -6.59
CA ALA A 34 -26.07 -17.52 -5.14
C ALA A 34 -26.19 -16.07 -4.69
N VAL A 35 -27.01 -15.83 -3.67
CA VAL A 35 -27.08 -14.55 -2.99
C VAL A 35 -26.45 -14.71 -1.63
N ILE A 36 -25.46 -13.88 -1.31
CA ILE A 36 -24.84 -13.87 0.00
C ILE A 36 -25.49 -12.72 0.78
N TYR A 37 -26.11 -13.06 1.90
CA TYR A 37 -26.94 -12.15 2.67
C TYR A 37 -26.72 -12.40 4.15
N GLN A 38 -26.19 -11.39 4.86
CA GLN A 38 -25.85 -11.49 6.28
C GLN A 38 -25.10 -12.78 6.60
N GLY A 39 -23.98 -12.97 5.89
CA GLY A 39 -23.06 -14.05 6.16
C GLY A 39 -23.54 -15.45 5.84
N LYS A 40 -24.61 -15.60 5.05
CA LYS A 40 -25.07 -16.93 4.68
C LYS A 40 -25.45 -16.94 3.21
N PRO A 41 -25.18 -18.04 2.50
CA PRO A 41 -25.51 -18.14 1.08
C PRO A 41 -26.88 -18.73 0.83
N TYR A 42 -27.50 -18.26 -0.25
CA TYR A 42 -28.81 -18.75 -0.69
C TYR A 42 -28.73 -19.09 -2.17
N TYR A 43 -29.08 -20.34 -2.51
CA TYR A 43 -28.83 -20.90 -3.83
C TYR A 43 -30.11 -21.08 -4.63
N PHE A 44 -30.00 -20.86 -5.94
CA PHE A 44 -31.09 -21.00 -6.88
C PHE A 44 -30.54 -21.59 -8.18
N THR A 45 -31.29 -22.51 -8.79
CA THR A 45 -30.87 -23.13 -10.03
C THR A 45 -32.05 -23.17 -11.01
N TRP A 46 -31.74 -23.05 -12.30
CA TRP A 46 -32.74 -23.12 -13.36
C TRP A 46 -32.22 -23.92 -14.54
N GLY A 47 -33.14 -24.63 -15.22
CA GLY A 47 -32.76 -25.10 -16.54
C GLY A 47 -31.80 -26.28 -16.52
N TYR A 48 -31.04 -26.40 -17.60
CA TYR A 48 -30.25 -27.60 -17.88
C TYR A 48 -28.77 -27.33 -18.01
N ALA A 49 -27.94 -28.20 -17.44
CA ALA A 49 -26.52 -28.25 -17.78
C ALA A 49 -26.30 -28.88 -19.15
N ASP A 50 -27.20 -29.77 -19.57
CA ASP A 50 -27.12 -30.44 -20.86
C ASP A 50 -28.55 -30.49 -21.40
N ILE A 51 -28.81 -29.71 -22.45
CA ILE A 51 -30.18 -29.58 -22.95
C ILE A 51 -30.68 -30.90 -23.51
N ALA A 52 -29.88 -31.53 -24.38
CA ALA A 52 -30.33 -32.73 -25.07
C ALA A 52 -30.67 -33.85 -24.09
N LYS A 53 -29.85 -34.01 -23.06
CA LYS A 53 -30.04 -35.06 -22.06
C LYS A 53 -30.95 -34.62 -20.91
N LYS A 54 -31.49 -33.39 -20.95
CA LYS A 54 -32.28 -32.83 -19.86
C LYS A 54 -31.62 -33.07 -18.50
N GLN A 55 -30.31 -32.86 -18.43
CA GLN A 55 -29.60 -32.92 -17.15
C GLN A 55 -29.70 -31.57 -16.48
N PRO A 56 -30.34 -31.48 -15.31
CA PRO A 56 -30.62 -30.16 -14.73
C PRO A 56 -29.36 -29.51 -14.15
N VAL A 57 -29.37 -28.18 -14.13
CA VAL A 57 -28.37 -27.46 -13.35
C VAL A 57 -28.62 -27.79 -11.88
N THR A 58 -27.56 -28.17 -11.18
CA THR A 58 -27.63 -28.36 -9.74
C THR A 58 -26.57 -27.51 -9.07
N GLN A 59 -26.56 -27.53 -7.74
CA GLN A 59 -25.55 -26.80 -6.99
C GLN A 59 -24.16 -27.39 -7.17
N GLN A 60 -24.03 -28.54 -7.84
CA GLN A 60 -22.74 -29.14 -8.14
C GLN A 60 -22.34 -28.99 -9.60
N THR A 61 -23.18 -28.38 -10.44
CA THR A 61 -22.83 -28.16 -11.84
C THR A 61 -21.62 -27.23 -11.94
N LEU A 62 -20.67 -27.59 -12.81
CA LEU A 62 -19.51 -26.74 -13.09
C LEU A 62 -19.79 -25.84 -14.28
N PHE A 63 -19.51 -24.55 -14.10
CA PHE A 63 -19.62 -23.57 -15.15
C PHE A 63 -18.24 -23.00 -15.45
N GLU A 64 -18.00 -22.65 -16.71
CA GLU A 64 -16.79 -21.93 -17.08
C GLU A 64 -16.93 -20.48 -16.63
N LEU A 65 -15.98 -20.02 -15.82
CA LEU A 65 -16.04 -18.66 -15.29
C LEU A 65 -15.55 -17.61 -16.28
N GLY A 66 -14.83 -18.00 -17.32
CA GLY A 66 -14.28 -17.00 -18.22
C GLY A 66 -13.42 -16.02 -17.43
N SER A 67 -13.55 -14.74 -17.77
CA SER A 67 -12.69 -13.72 -17.15
C SER A 67 -12.96 -13.48 -15.66
N VAL A 68 -14.01 -14.06 -15.08
CA VAL A 68 -14.08 -14.04 -13.61
C VAL A 68 -12.87 -14.78 -13.03
N SER A 69 -12.25 -15.67 -13.82
CA SER A 69 -10.99 -16.29 -13.43
C SER A 69 -9.92 -15.27 -13.08
N LYS A 70 -9.99 -14.06 -13.65
CA LYS A 70 -8.98 -13.05 -13.35
C LYS A 70 -8.98 -12.66 -11.86
N THR A 71 -10.11 -12.82 -11.16
CA THR A 71 -10.11 -12.52 -9.73
C THR A 71 -9.29 -13.54 -8.95
N PHE A 72 -9.34 -14.82 -9.37
CA PHE A 72 -8.47 -15.82 -8.78
C PHE A 72 -7.00 -15.51 -9.08
N THR A 73 -6.68 -15.13 -10.32
CA THR A 73 -5.31 -14.78 -10.65
C THR A 73 -4.83 -13.57 -9.82
N GLY A 74 -5.69 -12.57 -9.64
CA GLY A 74 -5.29 -11.41 -8.88
C GLY A 74 -5.03 -11.74 -7.41
N VAL A 75 -5.86 -12.61 -6.84
CA VAL A 75 -5.67 -13.02 -5.45
C VAL A 75 -4.44 -13.87 -5.31
N LEU A 76 -4.20 -14.78 -6.27
CA LEU A 76 -2.99 -15.58 -6.21
C LEU A 76 -1.75 -14.69 -6.26
N GLY A 77 -1.78 -13.66 -7.11
CA GLY A 77 -0.69 -12.69 -7.14
C GLY A 77 -0.57 -11.93 -5.84
N GLY A 78 -1.70 -11.52 -5.26
CA GLY A 78 -1.65 -10.87 -3.96
C GLY A 78 -1.03 -11.74 -2.89
N ASP A 79 -1.36 -13.03 -2.89
CA ASP A 79 -0.77 -13.95 -1.92
C ASP A 79 0.75 -14.05 -2.11
N ALA A 80 1.21 -14.04 -3.36
CA ALA A 80 2.66 -14.09 -3.61
C ALA A 80 3.33 -12.82 -3.14
N ILE A 81 2.66 -11.67 -3.29
CA ILE A 81 3.20 -10.44 -2.72
C ILE A 81 3.30 -10.58 -1.20
N ALA A 82 2.22 -11.06 -0.58
CA ALA A 82 2.18 -11.18 0.88
C ALA A 82 3.21 -12.16 1.38
N ARG A 83 3.52 -13.18 0.58
CA ARG A 83 4.59 -14.12 0.89
C ARG A 83 5.97 -13.51 0.71
N GLY A 84 6.08 -12.31 0.15
CA GLY A 84 7.39 -11.73 -0.12
C GLY A 84 8.08 -12.25 -1.36
N GLU A 85 7.37 -13.01 -2.20
CA GLU A 85 7.97 -13.60 -3.39
C GLU A 85 8.08 -12.60 -4.54
N ILE A 86 7.14 -11.66 -4.65
CA ILE A 86 7.14 -10.67 -5.72
C ILE A 86 6.69 -9.32 -5.16
N LYS A 87 7.00 -8.27 -5.92
CA LYS A 87 6.42 -6.95 -5.72
C LYS A 87 5.87 -6.47 -7.05
N LEU A 88 4.76 -5.73 -7.00
CA LEU A 88 4.21 -5.19 -8.25
C LEU A 88 5.16 -4.20 -8.90
N SER A 89 6.08 -3.61 -8.12
CA SER A 89 7.11 -2.73 -8.68
C SER A 89 8.25 -3.50 -9.36
N ASP A 90 8.26 -4.84 -9.29
CA ASP A 90 9.30 -5.60 -9.97
C ASP A 90 9.14 -5.46 -11.49
N PRO A 91 10.24 -5.31 -12.23
CA PRO A 91 10.14 -5.38 -13.69
C PRO A 91 9.71 -6.76 -14.16
N ALA A 92 8.93 -6.78 -15.24
CA ALA A 92 8.52 -8.07 -15.80
C ALA A 92 9.74 -8.92 -16.16
N THR A 93 10.81 -8.27 -16.64
CA THR A 93 12.02 -8.98 -17.02
C THR A 93 12.70 -9.66 -15.85
N LYS A 94 12.39 -9.26 -14.61
CA LYS A 94 12.99 -9.94 -13.46
C LYS A 94 12.64 -11.42 -13.46
N TYR A 95 11.46 -11.78 -13.95
CA TYR A 95 11.00 -13.16 -13.94
C TYR A 95 10.99 -13.81 -15.32
N TRP A 96 11.34 -13.06 -16.35
CA TRP A 96 11.41 -13.60 -17.72
C TRP A 96 12.56 -12.90 -18.41
N PRO A 97 13.79 -13.30 -18.10
CA PRO A 97 14.96 -12.57 -18.62
C PRO A 97 15.09 -12.63 -20.14
N GLU A 98 14.47 -13.62 -20.78
CA GLU A 98 14.50 -13.70 -22.25
C GLU A 98 13.71 -12.58 -22.90
N LEU A 99 12.95 -11.82 -22.13
CA LEU A 99 12.23 -10.65 -22.61
C LEU A 99 13.23 -9.49 -22.72
N THR A 100 14.15 -9.63 -23.68
CA THR A 100 15.25 -8.71 -23.85
C THR A 100 14.88 -7.51 -24.71
N ALA A 101 13.74 -7.55 -25.39
CA ALA A 101 13.36 -6.47 -26.29
C ALA A 101 13.24 -5.16 -25.52
N LYS A 102 13.64 -4.07 -26.19
CA LYS A 102 13.85 -2.78 -25.53
C LYS A 102 12.57 -2.20 -24.94
N GLN A 103 11.42 -2.47 -25.56
CA GLN A 103 10.17 -1.90 -25.10
C GLN A 103 9.76 -2.40 -23.72
N TRP A 104 10.40 -3.45 -23.22
CA TRP A 104 10.05 -3.97 -21.89
C TRP A 104 10.76 -3.25 -20.76
N ASN A 105 11.72 -2.39 -21.06
CA ASN A 105 12.31 -1.57 -20.01
C ASN A 105 11.25 -0.65 -19.42
N GLY A 106 11.01 -0.76 -18.13
CA GLY A 106 10.04 0.08 -17.45
C GLY A 106 8.68 -0.55 -17.26
N ILE A 107 8.43 -1.72 -17.81
CA ILE A 107 7.15 -2.41 -17.63
C ILE A 107 7.25 -3.32 -16.40
N THR A 108 6.35 -3.12 -15.45
CA THR A 108 6.40 -3.84 -14.19
C THR A 108 5.28 -4.87 -14.11
N LEU A 109 5.32 -5.68 -13.04
CA LEU A 109 4.21 -6.58 -12.77
C LEU A 109 2.92 -5.79 -12.52
N LEU A 110 3.01 -4.63 -11.89
CA LEU A 110 1.82 -3.79 -11.70
C LEU A 110 1.15 -3.51 -13.05
N HIS A 111 1.94 -3.10 -14.05
CA HIS A 111 1.41 -2.80 -15.38
C HIS A 111 0.72 -4.01 -16.00
N LEU A 112 1.36 -5.18 -15.90
CA LEU A 112 0.75 -6.38 -16.45
C LEU A 112 -0.55 -6.72 -15.73
N ALA A 113 -0.54 -6.62 -14.39
CA ALA A 113 -1.68 -7.04 -13.59
C ALA A 113 -2.89 -6.14 -13.83
N THR A 114 -2.66 -4.86 -14.15
CA THR A 114 -3.73 -3.88 -14.22
C THR A 114 -3.97 -3.36 -15.63
N TYR A 115 -3.45 -4.04 -16.65
CA TYR A 115 -3.72 -3.75 -18.06
C TYR A 115 -3.15 -2.39 -18.48
N THR A 116 -2.07 -1.94 -17.84
CA THR A 116 -1.53 -0.61 -18.11
C THR A 116 -0.14 -0.67 -18.74
N ALA A 117 0.26 -1.79 -19.34
CA ALA A 117 1.59 -1.89 -19.92
C ALA A 117 1.76 -1.03 -21.16
N GLY A 118 0.68 -0.62 -21.81
CA GLY A 118 0.81 0.22 -22.97
C GLY A 118 0.22 -0.36 -24.24
N GLY A 119 -0.82 -1.18 -24.09
CA GLY A 119 -1.58 -1.64 -25.24
C GLY A 119 -1.38 -3.09 -25.61
N LEU A 120 -1.01 -3.94 -24.64
CA LEU A 120 -1.02 -5.37 -24.90
C LEU A 120 -2.43 -5.79 -25.34
N PRO A 121 -2.55 -6.68 -26.32
CA PRO A 121 -3.86 -6.91 -26.96
C PRO A 121 -4.80 -7.74 -26.11
N LEU A 122 -6.10 -7.54 -26.36
CA LEU A 122 -7.13 -8.26 -25.62
C LEU A 122 -6.89 -9.77 -25.65
N GLN A 123 -6.57 -10.32 -26.82
CA GLN A 123 -6.34 -11.75 -26.94
C GLN A 123 -4.89 -12.04 -27.31
N VAL A 124 -4.33 -13.08 -26.69
CA VAL A 124 -3.13 -13.66 -27.28
C VAL A 124 -3.51 -14.18 -28.67
N PRO A 125 -2.71 -13.91 -29.70
CA PRO A 125 -3.07 -14.41 -31.04
C PRO A 125 -3.29 -15.91 -31.05
N ASP A 126 -4.30 -16.34 -31.82
CA ASP A 126 -4.67 -17.75 -31.80
C ASP A 126 -3.57 -18.62 -32.39
N GLU A 127 -2.64 -18.02 -33.14
CA GLU A 127 -1.51 -18.72 -33.71
C GLU A 127 -0.37 -18.96 -32.73
N VAL A 128 -0.44 -18.38 -31.52
CA VAL A 128 0.57 -18.67 -30.51
C VAL A 128 0.28 -20.05 -29.94
N LYS A 129 1.20 -20.99 -30.16
CA LYS A 129 1.01 -22.36 -29.71
C LYS A 129 2.13 -22.81 -28.77
N SER A 130 3.38 -22.62 -29.17
CA SER A 130 4.53 -23.05 -28.40
C SER A 130 4.97 -21.96 -27.44
N SER A 131 5.89 -22.32 -26.55
CA SER A 131 6.51 -21.31 -25.69
C SER A 131 7.36 -20.33 -26.50
N SER A 132 8.05 -20.84 -27.54
CA SER A 132 8.79 -19.93 -28.41
C SER A 132 7.84 -18.98 -29.14
N ASP A 133 6.66 -19.48 -29.53
CA ASP A 133 5.64 -18.60 -30.10
C ASP A 133 5.26 -17.48 -29.12
N LEU A 134 5.13 -17.82 -27.83
CA LEU A 134 4.71 -16.83 -26.85
C LEU A 134 5.79 -15.79 -26.62
N LEU A 135 7.05 -16.22 -26.55
CA LEU A 135 8.16 -15.28 -26.40
C LEU A 135 8.23 -14.33 -27.58
N ARG A 136 8.08 -14.87 -28.80
CA ARG A 136 8.13 -14.02 -29.99
C ARG A 136 7.02 -12.98 -30.00
N PHE A 137 5.82 -13.39 -29.58
CA PHE A 137 4.69 -12.46 -29.51
C PHE A 137 5.02 -11.27 -28.62
N TYR A 138 5.52 -11.53 -27.41
CA TYR A 138 5.84 -10.41 -26.52
C TYR A 138 7.08 -9.64 -26.97
N GLN A 139 8.06 -10.34 -27.54
CA GLN A 139 9.25 -9.66 -28.03
C GLN A 139 8.92 -8.73 -29.19
N ASN A 140 7.94 -9.10 -30.02
CA ASN A 140 7.59 -8.29 -31.18
C ASN A 140 6.53 -7.25 -30.89
N TRP A 141 5.91 -7.30 -29.71
CA TRP A 141 4.86 -6.35 -29.41
C TRP A 141 5.45 -4.96 -29.28
N GLN A 142 4.81 -3.98 -29.93
CA GLN A 142 5.28 -2.61 -29.84
C GLN A 142 4.20 -1.80 -29.13
N PRO A 143 4.50 -1.23 -27.98
CA PRO A 143 3.45 -0.52 -27.23
C PRO A 143 3.01 0.75 -27.92
N ALA A 144 1.70 0.97 -27.90
CA ALA A 144 1.12 2.21 -28.41
C ALA A 144 1.32 3.37 -27.45
N TRP A 145 1.48 3.09 -26.16
CA TRP A 145 1.62 4.14 -25.17
C TRP A 145 2.73 3.79 -24.20
N ALA A 146 3.21 4.82 -23.50
CA ALA A 146 4.17 4.61 -22.43
C ALA A 146 3.51 3.82 -21.31
N PRO A 147 4.31 3.09 -20.52
CA PRO A 147 3.73 2.29 -19.42
C PRO A 147 3.02 3.18 -18.42
N GLY A 148 1.93 2.66 -17.86
CA GLY A 148 1.26 3.34 -16.77
C GLY A 148 0.49 4.59 -17.16
N THR A 149 0.02 4.66 -18.40
CA THR A 149 -0.77 5.80 -18.86
C THR A 149 -2.14 5.44 -19.40
N GLN A 150 -2.32 4.25 -20.00
CA GLN A 150 -3.62 3.87 -20.52
C GLN A 150 -3.97 2.46 -20.07
N ARG A 151 -5.23 2.27 -19.65
CA ARG A 151 -5.77 0.95 -19.35
C ARG A 151 -6.37 0.37 -20.62
N LEU A 152 -5.90 -0.81 -21.03
CA LEU A 152 -6.51 -1.55 -22.14
C LEU A 152 -6.69 -2.99 -21.64
N TYR A 153 -7.93 -3.32 -21.29
CA TYR A 153 -8.28 -4.64 -20.77
C TYR A 153 -7.80 -5.74 -21.71
N ALA A 154 -7.05 -6.71 -21.17
CA ALA A 154 -6.31 -7.63 -22.02
C ALA A 154 -5.95 -8.93 -21.31
N ASN A 155 -6.27 -10.05 -21.97
CA ASN A 155 -5.81 -11.36 -21.48
C ASN A 155 -4.30 -11.47 -21.56
N SER A 156 -3.70 -10.88 -22.60
CA SER A 156 -2.25 -11.00 -22.74
C SER A 156 -1.50 -10.24 -21.67
N SER A 157 -2.19 -9.34 -20.96
CA SER A 157 -1.56 -8.56 -19.89
C SER A 157 -1.63 -9.34 -18.58
N ILE A 158 -2.85 -9.52 -18.04
CA ILE A 158 -2.95 -10.14 -16.72
C ILE A 158 -2.63 -11.62 -16.79
N GLY A 159 -2.81 -12.25 -17.96
CA GLY A 159 -2.38 -13.63 -18.11
C GLY A 159 -0.89 -13.81 -17.87
N LEU A 160 -0.09 -12.90 -18.42
CA LEU A 160 1.36 -12.97 -18.20
C LEU A 160 1.68 -12.63 -16.75
N PHE A 161 0.95 -11.68 -16.14
CA PHE A 161 1.16 -11.40 -14.73
C PHE A 161 1.02 -12.66 -13.90
N GLY A 162 -0.06 -13.42 -14.13
CA GLY A 162 -0.27 -14.65 -13.38
C GLY A 162 0.86 -15.64 -13.60
N ALA A 163 1.29 -15.81 -14.84
CA ALA A 163 2.36 -16.78 -15.11
C ALA A 163 3.67 -16.39 -14.43
N LEU A 164 4.01 -15.10 -14.43
CA LEU A 164 5.26 -14.65 -13.82
C LEU A 164 5.16 -14.60 -12.31
N ALA A 165 3.97 -14.31 -11.77
CA ALA A 165 3.80 -14.16 -10.32
C ALA A 165 4.13 -15.45 -9.59
N VAL A 166 3.95 -16.60 -10.24
CA VAL A 166 4.19 -17.89 -9.58
C VAL A 166 5.63 -18.36 -9.76
N LYS A 167 6.46 -17.65 -10.52
CA LYS A 167 7.80 -18.18 -10.78
C LYS A 167 8.67 -18.33 -9.55
N PRO A 168 8.70 -17.41 -8.58
CA PRO A 168 9.54 -17.67 -7.39
C PRO A 168 9.10 -18.89 -6.59
N SER A 169 7.81 -19.24 -6.60
CA SER A 169 7.35 -20.38 -5.82
C SER A 169 7.91 -21.71 -6.31
N GLY A 170 8.34 -21.77 -7.57
CA GLY A 170 8.73 -23.03 -8.18
C GLY A 170 7.57 -23.90 -8.60
N LEU A 171 6.34 -23.53 -8.28
CA LEU A 171 5.16 -24.32 -8.59
C LEU A 171 4.57 -23.89 -9.92
N SER A 172 3.91 -24.83 -10.59
CA SER A 172 3.11 -24.46 -11.75
C SER A 172 1.96 -23.56 -11.30
N PHE A 173 1.38 -22.84 -12.26
CA PHE A 173 0.27 -21.96 -11.95
C PHE A 173 -0.88 -22.74 -11.33
N GLU A 174 -1.16 -23.95 -11.84
CA GLU A 174 -2.26 -24.73 -11.30
C GLU A 174 -1.94 -25.27 -9.91
N GLN A 175 -0.72 -25.76 -9.69
CA GLN A 175 -0.33 -26.22 -8.36
C GLN A 175 -0.38 -25.09 -7.35
N ALA A 176 0.14 -23.91 -7.74
CA ALA A 176 0.08 -22.75 -6.84
C ALA A 176 -1.37 -22.40 -6.53
N MET A 177 -2.21 -22.34 -7.56
CA MET A 177 -3.61 -21.96 -7.34
C MET A 177 -4.31 -22.97 -6.45
N GLN A 178 -4.07 -24.26 -6.69
CA GLN A 178 -4.70 -25.29 -5.87
C GLN A 178 -4.24 -25.21 -4.42
N THR A 179 -2.93 -25.17 -4.19
CA THR A 179 -2.46 -25.28 -2.82
C THR A 179 -2.58 -23.96 -2.05
N ARG A 180 -2.55 -22.82 -2.75
CA ARG A 180 -2.50 -21.53 -2.08
C ARG A 180 -3.83 -20.79 -2.04
N VAL A 181 -4.79 -21.14 -2.91
CA VAL A 181 -6.07 -20.44 -2.96
C VAL A 181 -7.26 -21.39 -2.82
N PHE A 182 -7.36 -22.39 -3.71
CA PHE A 182 -8.53 -23.28 -3.71
C PHE A 182 -8.64 -24.04 -2.39
N GLN A 183 -7.59 -24.77 -2.03
CA GLN A 183 -7.64 -25.67 -0.89
C GLN A 183 -7.79 -24.94 0.45
N PRO A 184 -7.07 -23.85 0.73
CA PRO A 184 -7.31 -23.12 1.98
C PRO A 184 -8.73 -22.61 2.14
N LEU A 185 -9.40 -22.24 1.05
CA LEU A 185 -10.75 -21.71 1.09
C LEU A 185 -11.81 -22.80 0.90
N LYS A 186 -11.38 -24.06 0.87
CA LYS A 186 -12.29 -25.20 0.75
C LYS A 186 -13.08 -25.17 -0.55
N LEU A 187 -12.46 -24.67 -1.62
CA LEU A 187 -13.06 -24.71 -2.95
C LEU A 187 -12.68 -26.04 -3.57
N ASN A 188 -13.39 -27.08 -3.15
CA ASN A 188 -13.06 -28.45 -3.50
C ASN A 188 -13.70 -28.90 -4.81
N HIS A 189 -14.50 -28.05 -5.45
CA HIS A 189 -15.06 -28.34 -6.77
C HIS A 189 -14.82 -27.17 -7.72
N THR A 190 -13.59 -26.67 -7.71
CA THR A 190 -13.14 -25.57 -8.54
C THR A 190 -11.86 -26.03 -9.23
N TRP A 191 -11.80 -25.87 -10.55
CA TRP A 191 -10.72 -26.53 -11.29
C TRP A 191 -10.22 -25.64 -12.42
N ILE A 192 -8.91 -25.70 -12.67
CA ILE A 192 -8.38 -25.21 -13.94
C ILE A 192 -8.53 -26.28 -15.01
N ASN A 193 -8.11 -27.50 -14.69
CA ASN A 193 -8.33 -28.68 -15.52
C ASN A 193 -9.29 -29.60 -14.76
N VAL A 194 -10.48 -29.79 -15.32
CA VAL A 194 -11.51 -30.62 -14.72
C VAL A 194 -11.05 -32.07 -14.75
N PRO A 195 -10.86 -32.72 -13.60
CA PRO A 195 -10.41 -34.12 -13.59
C PRO A 195 -11.49 -35.05 -14.14
N PRO A 196 -11.10 -36.20 -14.69
CA PRO A 196 -12.07 -37.11 -15.32
C PRO A 196 -13.27 -37.43 -14.43
N PRO A 197 -13.09 -37.72 -13.13
CA PRO A 197 -14.26 -38.02 -12.30
C PRO A 197 -15.24 -36.88 -12.15
N GLU A 198 -14.83 -35.65 -12.43
CA GLU A 198 -15.71 -34.49 -12.28
C GLU A 198 -16.39 -34.09 -13.59
N GLU A 199 -16.04 -34.73 -14.71
CA GLU A 199 -16.58 -34.30 -15.99
C GLU A 199 -18.09 -34.48 -16.07
N LYS A 200 -18.64 -35.42 -15.30
CA LYS A 200 -20.09 -35.61 -15.29
C LYS A 200 -20.83 -34.38 -14.75
N ASN A 201 -20.11 -33.49 -14.07
CA ASN A 201 -20.70 -32.28 -13.49
C ASN A 201 -20.51 -31.06 -14.39
N TYR A 202 -19.71 -31.18 -15.44
CA TYR A 202 -19.31 -30.07 -16.30
C TYR A 202 -20.43 -29.74 -17.27
N ALA A 203 -21.09 -28.60 -17.06
CA ALA A 203 -22.15 -28.16 -17.97
C ALA A 203 -21.59 -27.97 -19.37
N TRP A 204 -22.45 -28.13 -20.37
CA TRP A 204 -22.13 -27.67 -21.70
C TRP A 204 -22.47 -26.20 -21.82
N GLY A 205 -21.60 -25.45 -22.50
CA GLY A 205 -21.97 -24.12 -22.89
C GLY A 205 -22.72 -24.16 -24.21
N TYR A 206 -23.48 -23.10 -24.48
CA TYR A 206 -24.29 -23.07 -25.69
C TYR A 206 -24.07 -21.76 -26.41
N ARG A 207 -23.59 -21.85 -27.66
CA ARG A 207 -23.35 -20.69 -28.51
C ARG A 207 -24.13 -20.92 -29.79
N GLU A 208 -25.16 -20.11 -30.02
CA GLU A 208 -26.05 -20.25 -31.18
C GLU A 208 -26.68 -21.64 -31.21
N GLY A 209 -27.11 -22.13 -30.04
CA GLY A 209 -27.73 -23.44 -29.94
C GLY A 209 -26.78 -24.62 -30.01
N LYS A 210 -25.49 -24.40 -30.22
CA LYS A 210 -24.51 -25.48 -30.30
C LYS A 210 -23.80 -25.67 -28.97
N ALA A 211 -23.64 -26.92 -28.54
CA ALA A 211 -22.94 -27.21 -27.30
C ALA A 211 -21.43 -27.04 -27.49
N VAL A 212 -20.80 -26.25 -26.61
CA VAL A 212 -19.38 -25.90 -26.74
C VAL A 212 -18.73 -25.85 -25.36
N HIS A 213 -17.42 -26.08 -25.34
CA HIS A 213 -16.54 -25.85 -24.21
C HIS A 213 -15.43 -24.91 -24.66
N VAL A 214 -14.77 -24.28 -23.67
CA VAL A 214 -13.73 -23.30 -23.99
C VAL A 214 -12.61 -23.94 -24.81
N SER A 215 -12.09 -23.17 -25.80
CA SER A 215 -11.01 -23.72 -26.60
C SER A 215 -9.66 -23.46 -25.93
N PRO A 216 -8.68 -24.31 -26.23
CA PRO A 216 -7.32 -24.11 -25.68
C PRO A 216 -6.71 -22.81 -26.20
N GLY A 217 -5.89 -22.20 -25.34
CA GLY A 217 -5.13 -21.03 -25.76
C GLY A 217 -3.98 -20.78 -24.80
N ALA A 218 -2.96 -20.09 -25.30
CA ALA A 218 -1.84 -19.72 -24.45
C ALA A 218 -2.34 -18.80 -23.34
N LEU A 219 -1.87 -19.05 -22.13
CA LEU A 219 -2.28 -18.30 -20.95
C LEU A 219 -3.77 -18.42 -20.63
N ASP A 220 -4.40 -19.51 -21.08
CA ASP A 220 -5.83 -19.66 -20.83
C ASP A 220 -6.10 -19.80 -19.33
N ALA A 221 -5.33 -20.64 -18.65
CA ALA A 221 -5.55 -20.83 -17.22
C ALA A 221 -5.42 -19.53 -16.47
N GLU A 222 -4.39 -18.75 -16.81
CA GLU A 222 -4.07 -17.54 -16.08
C GLU A 222 -5.11 -16.43 -16.32
N ALA A 223 -5.74 -16.42 -17.50
CA ALA A 223 -6.60 -15.31 -17.89
C ALA A 223 -8.09 -15.63 -17.88
N TYR A 224 -8.49 -16.88 -18.15
CA TYR A 224 -9.93 -17.15 -18.23
C TYR A 224 -10.28 -18.62 -17.99
N GLY A 225 -9.43 -19.41 -17.33
CA GLY A 225 -9.60 -20.86 -17.40
C GLY A 225 -10.10 -21.62 -16.19
N VAL A 226 -10.77 -20.96 -15.26
CA VAL A 226 -11.28 -21.64 -14.08
C VAL A 226 -12.73 -22.09 -14.30
N LYS A 227 -13.06 -23.30 -13.81
CA LYS A 227 -14.43 -23.80 -13.80
C LYS A 227 -14.84 -24.01 -12.34
N SER A 228 -16.08 -23.70 -11.99
CA SER A 228 -16.47 -23.79 -10.60
C SER A 228 -17.97 -24.03 -10.46
N THR A 229 -18.37 -24.43 -9.25
CA THR A 229 -19.77 -24.63 -8.91
C THR A 229 -20.36 -23.36 -8.31
N ILE A 230 -21.69 -23.33 -8.19
CA ILE A 230 -22.32 -22.18 -7.56
C ILE A 230 -21.99 -22.14 -6.07
N GLU A 231 -21.75 -23.30 -5.45
CA GLU A 231 -21.41 -23.30 -4.02
C GLU A 231 -20.00 -22.79 -3.78
N ASP A 232 -19.03 -23.26 -4.57
CA ASP A 232 -17.66 -22.78 -4.40
C ASP A 232 -17.57 -21.30 -4.69
N MET A 233 -18.32 -20.81 -5.69
CA MET A 233 -18.27 -19.38 -6.00
C MET A 233 -18.94 -18.56 -4.91
N ALA A 234 -19.96 -19.10 -4.26
CA ALA A 234 -20.51 -18.42 -3.09
C ALA A 234 -19.47 -18.33 -1.98
N ARG A 235 -18.68 -19.39 -1.80
CA ARG A 235 -17.58 -19.33 -0.83
C ARG A 235 -16.52 -18.33 -1.26
N TRP A 236 -16.26 -18.25 -2.56
CA TRP A 236 -15.31 -17.28 -3.10
C TRP A 236 -15.74 -15.85 -2.79
N VAL A 237 -17.01 -15.54 -3.01
CA VAL A 237 -17.51 -14.20 -2.71
C VAL A 237 -17.42 -13.92 -1.22
N ARG A 238 -17.80 -14.90 -0.38
CA ARG A 238 -17.70 -14.70 1.06
C ARG A 238 -16.27 -14.41 1.49
N SER A 239 -15.31 -15.14 0.91
CA SER A 239 -13.91 -14.97 1.30
C SER A 239 -13.38 -13.61 0.87
N ASN A 240 -13.79 -13.12 -0.30
CA ASN A 240 -13.32 -11.82 -0.74
C ASN A 240 -14.07 -10.69 -0.03
N MET A 241 -15.29 -10.94 0.41
CA MET A 241 -16.04 -9.92 1.14
C MET A 241 -15.49 -9.70 2.54
N ASN A 242 -15.09 -10.79 3.22
CA ASN A 242 -14.65 -10.74 4.61
C ASN A 242 -13.34 -11.49 4.75
N PRO A 243 -12.25 -10.91 4.23
CA PRO A 243 -10.97 -11.63 4.26
C PRO A 243 -10.43 -11.82 5.67
N ARG A 244 -10.78 -10.93 6.60
CA ARG A 244 -10.28 -11.05 7.98
C ARG A 244 -10.74 -12.34 8.65
N ASP A 245 -11.66 -13.09 8.04
CA ASP A 245 -12.10 -14.38 8.56
C ASP A 245 -11.25 -15.55 8.07
N ILE A 246 -10.27 -15.31 7.21
CA ILE A 246 -9.43 -16.38 6.68
C ILE A 246 -8.21 -16.53 7.57
N ASN A 247 -7.92 -17.77 7.95
CA ASN A 247 -6.85 -18.05 8.91
C ASN A 247 -5.47 -18.13 8.28
N ASP A 248 -5.37 -18.10 6.96
CA ASP A 248 -4.08 -18.10 6.27
C ASP A 248 -3.66 -16.65 6.05
N LYS A 249 -2.62 -16.21 6.76
CA LYS A 249 -2.30 -14.78 6.81
C LYS A 249 -1.98 -14.23 5.42
N THR A 250 -1.10 -14.89 4.68
CA THR A 250 -0.75 -14.34 3.36
C THR A 250 -1.94 -14.36 2.42
N LEU A 251 -2.83 -15.35 2.54
CA LEU A 251 -4.00 -15.37 1.67
C LEU A 251 -4.97 -14.26 2.05
N GLN A 252 -5.18 -14.06 3.35
CA GLN A 252 -5.97 -12.91 3.79
C GLN A 252 -5.39 -11.61 3.23
N GLN A 253 -4.07 -11.45 3.33
CA GLN A 253 -3.42 -10.24 2.83
C GLN A 253 -3.54 -10.14 1.31
N GLY A 254 -3.36 -11.27 0.61
CA GLY A 254 -3.48 -11.24 -0.84
C GLY A 254 -4.87 -10.87 -1.31
N ILE A 255 -5.89 -11.43 -0.65
CA ILE A 255 -7.27 -11.03 -0.94
C ILE A 255 -7.43 -9.53 -0.76
N GLN A 256 -6.90 -9.00 0.34
CA GLN A 256 -6.98 -7.55 0.55
C GLN A 256 -6.25 -6.80 -0.54
N LEU A 257 -5.05 -7.27 -0.92
CA LEU A 257 -4.29 -6.57 -1.97
C LEU A 257 -5.01 -6.57 -3.32
N ALA A 258 -5.84 -7.58 -3.60
CA ALA A 258 -6.54 -7.61 -4.88
C ALA A 258 -7.65 -6.57 -4.96
N GLN A 259 -8.12 -6.07 -3.82
CA GLN A 259 -9.08 -4.98 -3.77
C GLN A 259 -8.44 -3.62 -3.46
N SER A 260 -7.12 -3.53 -3.37
CA SER A 260 -6.49 -2.22 -3.36
C SER A 260 -6.77 -1.49 -4.66
N ARG A 261 -6.81 -0.17 -4.59
CA ARG A 261 -7.07 0.68 -5.75
C ARG A 261 -5.74 1.21 -6.29
N TYR A 262 -5.32 0.71 -7.44
CA TYR A 262 -4.04 1.05 -8.05
C TYR A 262 -4.15 2.17 -9.07
N TRP A 263 -5.28 2.24 -9.76
CA TRP A 263 -5.53 3.21 -10.81
C TRP A 263 -6.98 3.65 -10.73
N GLN A 264 -7.22 4.89 -11.12
CA GLN A 264 -8.57 5.39 -11.28
C GLN A 264 -8.79 5.75 -12.74
N THR A 265 -9.94 5.35 -13.28
CA THR A 265 -10.33 5.83 -14.60
C THR A 265 -11.85 5.94 -14.63
N GLY A 266 -12.32 7.13 -14.97
CA GLY A 266 -13.74 7.38 -14.91
C GLY A 266 -14.26 7.12 -13.51
N ASP A 267 -15.33 6.34 -13.42
CA ASP A 267 -15.98 6.08 -12.15
C ASP A 267 -15.40 4.86 -11.42
N MET A 268 -14.42 4.18 -12.00
CA MET A 268 -13.99 2.90 -11.45
C MET A 268 -12.51 2.93 -11.03
N TYR A 269 -12.16 1.96 -10.18
CA TYR A 269 -10.80 1.78 -9.70
C TYR A 269 -10.37 0.36 -10.06
N GLN A 270 -9.11 0.22 -10.50
CA GLN A 270 -8.60 -1.07 -10.93
C GLN A 270 -7.87 -1.75 -9.77
N GLY A 271 -8.35 -2.93 -9.38
CA GLY A 271 -7.65 -3.79 -8.45
C GLY A 271 -6.82 -4.81 -9.18
N LEU A 272 -6.55 -5.95 -8.53
CA LEU A 272 -5.91 -7.09 -9.18
C LEU A 272 -7.03 -8.05 -9.55
N GLY A 273 -7.41 -8.06 -10.83
CA GLY A 273 -8.55 -8.83 -11.25
C GLY A 273 -9.86 -8.15 -10.91
N TRP A 274 -10.13 -7.95 -9.62
CA TRP A 274 -11.35 -7.23 -9.23
C TRP A 274 -11.31 -5.79 -9.74
N GLU A 275 -12.50 -5.27 -10.01
CA GLU A 275 -12.72 -3.85 -10.28
C GLU A 275 -13.67 -3.31 -9.24
N MET A 276 -13.53 -2.03 -8.89
CA MET A 276 -14.27 -1.47 -7.76
C MET A 276 -14.84 -0.11 -8.12
N LEU A 277 -16.03 0.18 -7.60
CA LEU A 277 -16.61 1.52 -7.62
C LEU A 277 -17.03 1.89 -6.20
N ASP A 278 -17.05 3.18 -5.92
CA ASP A 278 -17.54 3.64 -4.63
C ASP A 278 -19.00 3.25 -4.46
N TRP A 279 -19.34 2.83 -3.23
CA TRP A 279 -20.71 2.56 -2.81
C TRP A 279 -21.21 3.72 -1.94
N PRO A 280 -22.46 4.15 -2.12
CA PRO A 280 -23.51 3.66 -3.02
C PRO A 280 -23.16 3.90 -4.47
N VAL A 281 -23.48 2.95 -5.33
CA VAL A 281 -23.06 3.03 -6.73
C VAL A 281 -24.25 3.45 -7.58
N ASN A 282 -23.98 4.25 -8.59
CA ASN A 282 -24.98 4.62 -9.56
C ASN A 282 -25.19 3.47 -10.53
N PRO A 283 -26.39 2.90 -10.63
CA PRO A 283 -26.56 1.72 -11.50
C PRO A 283 -26.24 1.99 -12.97
N ASP A 284 -26.49 3.20 -13.47
CA ASP A 284 -26.14 3.48 -14.86
C ASP A 284 -24.64 3.47 -15.08
N SER A 285 -23.88 3.88 -14.07
CA SER A 285 -22.44 3.86 -14.18
C SER A 285 -21.92 2.44 -14.45
N ILE A 286 -22.45 1.44 -13.75
CA ILE A 286 -21.94 0.09 -13.94
C ILE A 286 -22.62 -0.62 -15.11
N ILE A 287 -23.92 -0.36 -15.35
CA ILE A 287 -24.56 -0.99 -16.50
C ILE A 287 -23.96 -0.47 -17.80
N ASN A 288 -23.76 0.85 -17.90
CA ASN A 288 -23.19 1.40 -19.13
C ASN A 288 -21.72 1.04 -19.27
N GLY A 289 -20.99 1.02 -18.16
CA GLY A 289 -19.57 0.69 -18.21
C GLY A 289 -19.29 -0.73 -18.67
N SER A 290 -20.30 -1.59 -18.66
CA SER A 290 -20.16 -2.98 -19.09
C SER A 290 -20.58 -3.18 -20.55
N GLY A 291 -20.98 -2.13 -21.24
CA GLY A 291 -21.48 -2.28 -22.59
C GLY A 291 -20.39 -2.61 -23.59
N ASN A 292 -20.82 -2.93 -24.81
CA ASN A 292 -19.88 -3.29 -25.86
C ASN A 292 -19.12 -2.05 -26.33
N LYS A 293 -17.79 -2.15 -26.38
CA LYS A 293 -16.94 -1.06 -26.82
C LYS A 293 -16.76 -1.15 -28.34
N ILE A 294 -17.60 -0.41 -29.07
CA ILE A 294 -17.59 -0.47 -30.52
C ILE A 294 -16.37 0.25 -31.09
N ALA A 295 -16.12 1.47 -30.62
CA ALA A 295 -15.04 2.30 -31.14
C ALA A 295 -13.71 1.90 -30.52
N LEU A 296 -12.64 2.04 -31.32
CA LEU A 296 -11.30 1.74 -30.82
C LEU A 296 -10.96 2.59 -29.59
N ALA A 297 -11.29 3.88 -29.63
CA ALA A 297 -10.93 4.79 -28.54
C ALA A 297 -11.55 4.36 -27.22
N ALA A 298 -12.73 3.73 -27.26
CA ALA A 298 -13.38 3.27 -26.05
C ALA A 298 -12.59 2.20 -25.33
N ALA A 299 -11.71 1.47 -26.03
CA ALA A 299 -10.96 0.39 -25.40
C ALA A 299 -9.83 0.91 -24.52
N ALA A 300 -9.29 2.09 -24.82
CA ALA A 300 -8.22 2.68 -24.03
C ALA A 300 -8.80 3.74 -23.10
N HIS A 301 -8.45 3.66 -21.82
CA HIS A 301 -8.90 4.65 -20.88
C HIS A 301 -7.67 5.24 -20.19
N PRO A 302 -7.54 6.56 -20.13
CA PRO A 302 -6.41 7.13 -19.37
C PRO A 302 -6.58 6.83 -17.90
N VAL A 303 -5.47 6.49 -17.26
CA VAL A 303 -5.51 6.13 -15.85
C VAL A 303 -4.74 7.17 -15.05
N LYS A 304 -5.23 7.40 -13.85
CA LYS A 304 -4.54 8.21 -12.86
C LYS A 304 -3.91 7.27 -11.85
N ALA A 305 -2.61 7.41 -11.63
CA ALA A 305 -1.92 6.57 -10.67
C ALA A 305 -2.43 6.85 -9.27
N ILE A 306 -2.58 5.80 -8.48
CA ILE A 306 -2.88 5.93 -7.07
C ILE A 306 -1.65 5.43 -6.34
N THR A 307 -0.86 6.35 -5.79
CA THR A 307 0.43 5.99 -5.19
C THR A 307 0.54 6.68 -3.85
N PRO A 308 0.61 5.91 -2.75
CA PRO A 308 0.49 4.44 -2.67
C PRO A 308 -0.92 3.98 -3.01
N PRO A 309 -1.11 2.71 -3.37
CA PRO A 309 -2.46 2.20 -3.65
C PRO A 309 -3.35 2.34 -2.44
N THR A 310 -4.61 2.67 -2.67
CA THR A 310 -5.54 2.77 -1.55
C THR A 310 -5.91 1.38 -1.06
N PRO A 311 -5.72 1.06 0.22
CA PRO A 311 -6.11 -0.26 0.72
C PRO A 311 -7.62 -0.47 0.56
N ALA A 312 -8.00 -1.73 0.40
CA ALA A 312 -9.38 -2.14 0.11
C ALA A 312 -10.40 -1.30 0.87
N VAL A 313 -11.29 -0.64 0.12
CA VAL A 313 -12.32 0.24 0.69
C VAL A 313 -13.58 -0.59 0.91
N ARG A 314 -14.07 -0.62 2.15
CA ARG A 314 -15.24 -1.43 2.47
C ARG A 314 -16.47 -0.93 1.73
N ALA A 315 -16.62 0.39 1.58
CA ALA A 315 -17.77 0.99 0.90
C ALA A 315 -17.52 0.99 -0.60
N SER A 316 -17.52 -0.21 -1.18
CA SER A 316 -17.28 -0.42 -2.59
C SER A 316 -18.30 -1.38 -3.19
N TRP A 317 -18.60 -1.17 -4.46
CA TRP A 317 -19.18 -2.20 -5.32
C TRP A 317 -18.02 -2.89 -6.00
N VAL A 318 -17.72 -4.12 -5.60
CA VAL A 318 -16.61 -4.91 -6.14
C VAL A 318 -17.20 -5.94 -7.10
N HIS A 319 -16.68 -6.03 -8.31
CA HIS A 319 -17.35 -6.89 -9.28
C HIS A 319 -16.41 -7.31 -10.41
N LYS A 320 -16.87 -8.30 -11.18
CA LYS A 320 -16.16 -8.71 -12.39
C LYS A 320 -17.09 -9.51 -13.27
N THR A 321 -17.09 -9.21 -14.58
CA THR A 321 -17.77 -9.99 -15.59
C THR A 321 -16.83 -11.05 -16.17
N GLY A 322 -17.42 -12.10 -16.74
CA GLY A 322 -16.62 -13.10 -17.42
C GLY A 322 -17.45 -13.86 -18.42
N ALA A 323 -16.81 -14.29 -19.51
CA ALA A 323 -17.48 -15.07 -20.53
C ALA A 323 -16.48 -15.96 -21.24
N THR A 324 -16.99 -17.08 -21.72
CA THR A 324 -16.34 -17.89 -22.73
C THR A 324 -17.29 -17.98 -23.93
N GLY A 325 -16.94 -18.79 -24.92
CA GLY A 325 -17.82 -18.94 -26.06
C GLY A 325 -19.23 -19.32 -25.66
N GLY A 326 -19.36 -20.20 -24.67
CA GLY A 326 -20.65 -20.75 -24.30
C GLY A 326 -21.15 -20.42 -22.91
N PHE A 327 -20.46 -19.55 -22.17
CA PHE A 327 -20.85 -19.25 -20.79
C PHE A 327 -20.78 -17.75 -20.51
N GLY A 328 -21.60 -17.31 -19.55
CA GLY A 328 -21.55 -15.95 -19.05
C GLY A 328 -21.68 -15.91 -17.54
N SER A 329 -20.77 -15.21 -16.86
CA SER A 329 -20.77 -15.19 -15.41
C SER A 329 -20.64 -13.75 -14.91
N TYR A 330 -21.09 -13.52 -13.68
CA TYR A 330 -20.95 -12.22 -13.06
C TYR A 330 -20.88 -12.40 -11.55
N VAL A 331 -19.98 -11.63 -10.92
CA VAL A 331 -19.82 -11.65 -9.48
C VAL A 331 -19.78 -10.21 -9.00
N ALA A 332 -20.49 -9.92 -7.92
CA ALA A 332 -20.46 -8.58 -7.35
C ALA A 332 -20.75 -8.66 -5.86
N PHE A 333 -20.11 -7.80 -5.08
CA PHE A 333 -20.38 -7.77 -3.65
C PHE A 333 -20.09 -6.39 -3.09
N ILE A 334 -20.67 -6.12 -1.92
CA ILE A 334 -20.55 -4.84 -1.24
C ILE A 334 -20.10 -5.14 0.18
N PRO A 335 -18.79 -5.08 0.47
CA PRO A 335 -18.34 -5.50 1.80
C PRO A 335 -19.00 -4.73 2.94
N GLU A 336 -19.26 -3.43 2.74
CA GLU A 336 -19.88 -2.61 3.79
C GLU A 336 -21.25 -3.13 4.18
N LYS A 337 -21.99 -3.73 3.23
CA LYS A 337 -23.34 -4.23 3.49
C LYS A 337 -23.38 -5.74 3.69
N GLU A 338 -22.25 -6.44 3.61
CA GLU A 338 -22.19 -7.90 3.73
C GLU A 338 -23.13 -8.58 2.74
N LEU A 339 -23.12 -8.09 1.51
CA LEU A 339 -24.08 -8.45 0.47
C LEU A 339 -23.31 -8.82 -0.79
N GLY A 340 -23.71 -9.91 -1.44
CA GLY A 340 -23.03 -10.30 -2.67
C GLY A 340 -23.90 -11.20 -3.49
N ILE A 341 -23.48 -11.41 -4.74
CA ILE A 341 -24.22 -12.26 -5.66
C ILE A 341 -23.25 -12.90 -6.65
N VAL A 342 -23.59 -14.14 -7.06
CA VAL A 342 -22.92 -14.85 -8.14
C VAL A 342 -23.98 -15.26 -9.15
N MET A 343 -23.72 -15.04 -10.43
CA MET A 343 -24.65 -15.45 -11.49
C MET A 343 -23.87 -16.24 -12.54
N LEU A 344 -24.15 -17.54 -12.65
CA LEU A 344 -23.47 -18.42 -13.61
C LEU A 344 -24.49 -18.95 -14.60
N ALA A 345 -24.17 -18.83 -15.90
CA ALA A 345 -25.06 -19.29 -16.96
C ALA A 345 -24.26 -19.98 -18.05
N ASN A 346 -24.87 -20.98 -18.69
CA ASN A 346 -24.21 -21.65 -19.81
C ASN A 346 -24.70 -21.08 -21.14
N LYS A 347 -24.74 -19.74 -21.19
CA LYS A 347 -24.81 -19.00 -22.43
C LYS A 347 -24.13 -17.66 -22.18
N ASN A 348 -23.35 -17.20 -23.15
CA ASN A 348 -22.73 -15.87 -23.08
C ASN A 348 -23.78 -14.88 -23.54
N TYR A 349 -24.41 -14.20 -22.60
CA TYR A 349 -25.43 -13.19 -22.87
C TYR A 349 -24.92 -11.84 -22.39
N PRO A 350 -25.48 -10.73 -22.90
CA PRO A 350 -24.80 -9.43 -22.76
C PRO A 350 -24.55 -9.00 -21.32
N ASN A 351 -23.35 -8.47 -21.07
CA ASN A 351 -22.95 -8.00 -19.75
C ASN A 351 -23.95 -7.03 -19.13
N PRO A 352 -24.47 -6.02 -19.83
CA PRO A 352 -25.43 -5.11 -19.18
C PRO A 352 -26.64 -5.82 -18.60
N ALA A 353 -27.09 -6.92 -19.20
CA ALA A 353 -28.21 -7.66 -18.64
C ALA A 353 -27.84 -8.30 -17.31
N ARG A 354 -26.60 -8.81 -17.20
CA ARG A 354 -26.13 -9.37 -15.95
C ARG A 354 -26.08 -8.32 -14.85
N VAL A 355 -25.45 -7.17 -15.15
CA VAL A 355 -25.25 -6.14 -14.13
C VAL A 355 -26.58 -5.58 -13.66
N ALA A 356 -27.52 -5.37 -14.58
CA ALA A 356 -28.83 -4.83 -14.21
C ALA A 356 -29.56 -5.79 -13.28
N ALA A 357 -29.52 -7.09 -13.59
CA ALA A 357 -30.17 -8.08 -12.73
C ALA A 357 -29.50 -8.15 -11.37
N ALA A 358 -28.16 -8.14 -11.33
CA ALA A 358 -27.47 -8.18 -10.06
C ALA A 358 -27.80 -6.93 -9.25
N TRP A 359 -27.88 -5.79 -9.93
CA TRP A 359 -28.22 -4.54 -9.26
C TRP A 359 -29.61 -4.61 -8.62
N GLN A 360 -30.60 -5.04 -9.39
CA GLN A 360 -31.96 -5.09 -8.88
C GLN A 360 -32.06 -5.99 -7.66
N ILE A 361 -31.36 -7.12 -7.67
CA ILE A 361 -31.40 -8.06 -6.55
C ILE A 361 -30.73 -7.45 -5.32
N LEU A 362 -29.48 -6.99 -5.47
CA LEU A 362 -28.75 -6.48 -4.31
C LEU A 362 -29.37 -5.17 -3.81
N ASN A 363 -29.94 -4.37 -4.69
CA ASN A 363 -30.58 -3.12 -4.24
C ASN A 363 -31.79 -3.43 -3.38
N ALA A 364 -32.55 -4.47 -3.72
CA ALA A 364 -33.73 -4.86 -2.96
C ALA A 364 -33.39 -5.43 -1.58
N LEU A 365 -32.14 -5.79 -1.34
CA LEU A 365 -31.74 -6.47 -0.11
C LEU A 365 -30.99 -5.56 0.87
N GLN A 366 -30.96 -4.26 0.63
CA GLN A 366 -30.26 -3.34 1.52
C GLN A 366 -31.05 -3.09 2.79
N HIS B 7 21.23 -1.37 36.16
CA HIS B 7 21.61 -1.66 34.79
C HIS B 7 22.26 -3.03 34.64
N PRO B 8 21.85 -3.80 33.64
CA PRO B 8 22.67 -4.95 33.23
C PRO B 8 24.07 -4.48 32.87
N GLN B 9 25.07 -5.18 33.40
CA GLN B 9 26.45 -4.70 33.25
C GLN B 9 26.87 -4.61 31.79
N GLN B 10 26.37 -5.50 30.94
CA GLN B 10 26.78 -5.49 29.53
C GLN B 10 26.41 -4.16 28.86
N ILE B 11 25.33 -3.52 29.30
CA ILE B 11 24.97 -2.21 28.74
C ILE B 11 25.90 -1.13 29.27
N ASN B 12 26.16 -1.13 30.58
CA ASN B 12 27.08 -0.14 31.15
C ASN B 12 28.44 -0.22 30.48
N ASP B 13 28.90 -1.44 30.19
CA ASP B 13 30.24 -1.61 29.63
C ASP B 13 30.33 -1.06 28.22
N ILE B 14 29.36 -1.41 27.36
CA ILE B 14 29.45 -0.97 25.97
C ILE B 14 29.20 0.53 25.86
N VAL B 15 28.28 1.06 26.67
CA VAL B 15 27.98 2.50 26.62
C VAL B 15 29.19 3.30 27.09
N HIS B 16 29.80 2.90 28.21
CA HIS B 16 30.93 3.65 28.73
C HIS B 16 32.09 3.65 27.74
N ARG B 17 32.46 2.47 27.22
CA ARG B 17 33.60 2.45 26.31
C ARG B 17 33.25 2.92 24.90
N THR B 18 31.98 3.18 24.61
CA THR B 18 31.63 3.79 23.33
C THR B 18 31.40 5.29 23.43
N ILE B 19 30.59 5.74 24.40
CA ILE B 19 30.17 7.14 24.41
C ILE B 19 31.25 8.04 25.02
N THR B 20 31.95 7.57 26.05
CA THR B 20 32.94 8.45 26.67
C THR B 20 34.05 8.88 25.72
N PRO B 21 34.64 8.00 24.88
CA PRO B 21 35.58 8.53 23.87
C PRO B 21 34.92 9.44 22.85
N LEU B 22 33.67 9.12 22.45
CA LEU B 22 32.95 9.97 21.52
C LEU B 22 32.82 11.39 22.05
N ILE B 23 32.48 11.54 23.34
CA ILE B 23 32.36 12.85 23.95
C ILE B 23 33.69 13.57 23.95
N GLU B 24 34.79 12.83 24.20
CA GLU B 24 36.12 13.42 24.21
C GLU B 24 36.55 13.88 22.83
N GLN B 25 36.41 13.02 21.82
CA GLN B 25 36.86 13.35 20.48
C GLN B 25 36.09 14.53 19.90
N GLN B 26 34.78 14.57 20.14
CA GLN B 26 33.92 15.60 19.55
C GLN B 26 33.76 16.82 20.44
N LYS B 27 34.35 16.82 21.64
CA LYS B 27 34.26 17.96 22.57
C LYS B 27 32.81 18.29 22.88
N ILE B 28 32.03 17.27 23.19
CA ILE B 28 30.60 17.45 23.43
C ILE B 28 30.37 17.91 24.86
N PRO B 29 29.69 19.05 25.07
CA PRO B 29 29.58 19.57 26.45
C PRO B 29 28.66 18.75 27.33
N GLY B 30 27.57 18.23 26.77
CA GLY B 30 26.61 17.47 27.55
C GLY B 30 25.91 16.47 26.64
N MET B 31 25.50 15.36 27.23
CA MET B 31 24.92 14.28 26.43
C MET B 31 24.03 13.42 27.31
N ALA B 32 22.95 12.91 26.71
CA ALA B 32 22.10 11.92 27.36
C ALA B 32 21.91 10.77 26.38
N VAL B 33 21.93 9.55 26.90
CA VAL B 33 21.74 8.34 26.09
C VAL B 33 20.70 7.46 26.77
N ALA B 34 19.80 6.89 25.98
CA ALA B 34 18.94 5.82 26.45
C ALA B 34 19.22 4.60 25.60
N VAL B 35 19.42 3.46 26.25
CA VAL B 35 19.49 2.18 25.56
C VAL B 35 18.24 1.40 25.92
N ILE B 36 17.51 0.95 24.90
CA ILE B 36 16.34 0.11 25.08
C ILE B 36 16.80 -1.33 24.86
N TYR B 37 16.57 -2.17 25.87
CA TYR B 37 17.11 -3.52 25.90
C TYR B 37 16.04 -4.43 26.49
N GLN B 38 15.58 -5.39 25.68
CA GLN B 38 14.47 -6.26 26.03
C GLN B 38 13.31 -5.46 26.63
N GLY B 39 12.87 -4.44 25.90
CA GLY B 39 11.69 -3.69 26.31
C GLY B 39 11.85 -2.84 27.55
N LYS B 40 13.08 -2.51 27.94
CA LYS B 40 13.29 -1.66 29.11
C LYS B 40 14.30 -0.58 28.78
N PRO B 41 14.08 0.65 29.27
CA PRO B 41 15.04 1.73 29.01
C PRO B 41 16.09 1.84 30.10
N TYR B 42 17.30 2.18 29.67
CA TYR B 42 18.43 2.42 30.57
C TYR B 42 19.10 3.74 30.20
N TYR B 43 19.23 4.63 31.18
CA TYR B 43 19.60 6.02 30.93
C TYR B 43 21.01 6.34 31.41
N PHE B 44 21.67 7.23 30.68
CA PHE B 44 23.02 7.72 30.97
C PHE B 44 23.09 9.21 30.65
N THR B 45 23.79 9.97 31.49
CA THR B 45 23.97 11.40 31.28
C THR B 45 25.43 11.79 31.52
N TRP B 46 25.90 12.79 30.77
CA TRP B 46 27.25 13.32 30.89
C TRP B 46 27.24 14.84 30.78
N GLY B 47 28.15 15.49 31.52
CA GLY B 47 28.44 16.88 31.21
C GLY B 47 27.35 17.87 31.62
N TYR B 48 27.32 19.00 30.93
CA TYR B 48 26.49 20.13 31.34
C TYR B 48 25.44 20.46 30.30
N ALA B 49 24.22 20.75 30.79
CA ALA B 49 23.20 21.37 29.95
C ALA B 49 23.45 22.85 29.74
N ASP B 50 24.12 23.49 30.71
CA ASP B 50 24.45 24.91 30.66
C ASP B 50 25.87 25.01 31.21
N ILE B 51 26.83 25.33 30.35
CA ILE B 51 28.23 25.35 30.75
C ILE B 51 28.47 26.47 31.76
N ALA B 52 28.01 27.69 31.45
CA ALA B 52 28.31 28.83 32.30
C ALA B 52 27.77 28.64 33.71
N LYS B 53 26.55 28.13 33.84
CA LYS B 53 25.93 27.87 35.13
C LYS B 53 26.28 26.51 35.70
N LYS B 54 27.12 25.72 35.00
CA LYS B 54 27.48 24.36 35.42
C LYS B 54 26.25 23.56 35.85
N GLN B 55 25.18 23.68 35.09
CA GLN B 55 24.00 22.86 35.32
C GLN B 55 24.16 21.53 34.59
N PRO B 56 24.20 20.40 35.29
CA PRO B 56 24.50 19.14 34.61
C PRO B 56 23.31 18.67 33.79
N VAL B 57 23.61 17.84 32.77
CA VAL B 57 22.56 17.13 32.06
C VAL B 57 21.89 16.15 33.03
N THR B 58 20.56 16.13 33.03
CA THR B 58 19.79 15.17 33.82
C THR B 58 18.81 14.43 32.89
N GLN B 59 18.10 13.48 33.47
CA GLN B 59 17.07 12.79 32.71
C GLN B 59 15.88 13.68 32.38
N GLN B 60 15.83 14.90 32.93
CA GLN B 60 14.79 15.87 32.64
C GLN B 60 15.27 16.97 31.72
N THR B 61 16.55 16.94 31.33
CA THR B 61 17.08 17.95 30.41
C THR B 61 16.38 17.86 29.07
N LEU B 62 15.95 19.01 28.54
CA LEU B 62 15.35 19.11 27.21
C LEU B 62 16.43 19.42 26.18
N PHE B 63 16.45 18.65 25.09
CA PHE B 63 17.36 18.86 23.96
C PHE B 63 16.54 19.19 22.71
N GLU B 64 17.15 19.98 21.82
CA GLU B 64 16.55 20.20 20.51
C GLU B 64 16.75 18.95 19.65
N LEU B 65 15.65 18.38 19.15
CA LEU B 65 15.75 17.17 18.33
C LEU B 65 16.15 17.45 16.90
N GLY B 66 16.02 18.69 16.44
CA GLY B 66 16.29 18.94 15.04
C GLY B 66 15.43 18.04 14.17
N SER B 67 16.02 17.49 13.11
CA SER B 67 15.24 16.70 12.16
C SER B 67 14.69 15.38 12.71
N VAL B 68 15.07 14.96 13.92
CA VAL B 68 14.35 13.84 14.54
C VAL B 68 12.87 14.20 14.71
N SER B 69 12.56 15.50 14.74
CA SER B 69 11.18 15.97 14.73
C SER B 69 10.37 15.39 13.58
N LYS B 70 11.04 15.09 12.45
CA LYS B 70 10.31 14.60 11.28
C LYS B 70 9.66 13.25 11.55
N THR B 71 10.19 12.47 12.49
CA THR B 71 9.55 11.20 12.82
C THR B 71 8.20 11.44 13.51
N PHE B 72 8.10 12.47 14.34
CA PHE B 72 6.81 12.84 14.90
C PHE B 72 5.85 13.30 13.80
N THR B 73 6.33 14.14 12.88
CA THR B 73 5.49 14.59 11.78
C THR B 73 5.01 13.41 10.95
N GLY B 74 5.90 12.44 10.69
CA GLY B 74 5.51 11.31 9.86
C GLY B 74 4.44 10.46 10.51
N VAL B 75 4.56 10.25 11.82
CA VAL B 75 3.59 9.47 12.57
C VAL B 75 2.27 10.21 12.68
N LEU B 76 2.31 11.52 12.95
CA LEU B 76 1.08 12.30 12.95
C LEU B 76 0.38 12.23 11.61
N GLY B 77 1.15 12.31 10.51
CA GLY B 77 0.57 12.10 9.20
C GLY B 77 0.00 10.70 9.03
N GLY B 78 0.72 9.68 9.52
CA GLY B 78 0.19 8.33 9.47
C GLY B 78 -1.14 8.19 10.19
N ASP B 79 -1.25 8.84 11.34
CA ASP B 79 -2.51 8.85 12.09
C ASP B 79 -3.63 9.49 11.29
N ALA B 80 -3.33 10.58 10.56
CA ALA B 80 -4.36 11.19 9.73
C ALA B 80 -4.80 10.26 8.59
N ILE B 81 -3.86 9.52 8.00
CA ILE B 81 -4.24 8.52 6.99
C ILE B 81 -5.18 7.49 7.60
N ALA B 82 -4.81 6.97 8.77
CA ALA B 82 -5.59 5.92 9.40
C ALA B 82 -6.99 6.39 9.78
N ARG B 83 -7.14 7.69 10.12
CA ARG B 83 -8.46 8.24 10.36
C ARG B 83 -9.27 8.44 9.08
N GLY B 84 -8.65 8.37 7.91
CA GLY B 84 -9.35 8.71 6.68
C GLY B 84 -9.44 10.19 6.38
N GLU B 85 -8.70 11.04 7.11
CA GLU B 85 -8.70 12.46 6.86
C GLU B 85 -7.90 12.84 5.62
N ILE B 86 -6.85 12.07 5.31
CA ILE B 86 -6.02 12.30 4.14
C ILE B 86 -5.69 10.95 3.51
N LYS B 87 -5.24 10.98 2.27
CA LYS B 87 -4.54 9.87 1.65
C LYS B 87 -3.25 10.44 1.05
N LEU B 88 -2.17 9.68 1.14
CA LEU B 88 -0.92 10.16 0.55
C LEU B 88 -0.99 10.24 -0.98
N SER B 89 -1.91 9.51 -1.61
CA SER B 89 -2.09 9.61 -3.04
C SER B 89 -2.84 10.86 -3.47
N ASP B 90 -3.41 11.60 -2.51
CA ASP B 90 -4.15 12.83 -2.81
C ASP B 90 -3.20 13.92 -3.29
N PRO B 91 -3.64 14.76 -4.22
CA PRO B 91 -2.83 15.93 -4.59
C PRO B 91 -2.72 16.91 -3.43
N ALA B 92 -1.56 17.54 -3.31
CA ALA B 92 -1.37 18.55 -2.27
C ALA B 92 -2.42 19.65 -2.38
N THR B 93 -2.79 20.02 -3.60
CA THR B 93 -3.77 21.09 -3.79
C THR B 93 -5.14 20.76 -3.22
N LYS B 94 -5.45 19.47 -3.00
CA LYS B 94 -6.71 19.11 -2.36
C LYS B 94 -6.84 19.75 -0.98
N TYR B 95 -5.70 19.97 -0.32
CA TYR B 95 -5.68 20.51 1.03
C TYR B 95 -5.23 21.96 1.05
N TRP B 96 -4.89 22.54 -0.10
CA TRP B 96 -4.52 23.95 -0.18
C TRP B 96 -4.98 24.45 -1.54
N PRO B 97 -6.28 24.70 -1.71
CA PRO B 97 -6.78 25.06 -3.04
C PRO B 97 -6.20 26.35 -3.57
N GLU B 98 -5.67 27.23 -2.71
CA GLU B 98 -4.99 28.43 -3.19
C GLU B 98 -3.68 28.13 -3.92
N LEU B 99 -3.17 26.91 -3.83
CA LEU B 99 -1.97 26.49 -4.57
C LEU B 99 -2.36 26.16 -6.02
N THR B 100 -2.63 27.22 -6.78
CA THR B 100 -3.19 27.09 -8.12
C THR B 100 -2.16 26.92 -9.23
N ALA B 101 -0.87 27.13 -8.95
CA ALA B 101 0.12 27.08 -10.02
C ALA B 101 0.21 25.69 -10.63
N LYS B 102 0.35 25.66 -11.96
CA LYS B 102 0.22 24.41 -12.69
C LYS B 102 1.30 23.41 -12.34
N GLN B 103 2.48 23.88 -11.91
CA GLN B 103 3.54 22.93 -11.59
C GLN B 103 3.19 22.05 -10.39
N TRP B 104 2.13 22.37 -9.64
CA TRP B 104 1.68 21.54 -8.54
C TRP B 104 0.73 20.44 -8.99
N ASN B 105 0.30 20.44 -10.25
CA ASN B 105 -0.49 19.33 -10.76
C ASN B 105 0.33 18.06 -10.71
N GLY B 106 -0.17 17.06 -10.00
CA GLY B 106 0.50 15.79 -9.90
C GLY B 106 1.38 15.64 -8.67
N ILE B 107 1.58 16.69 -7.88
CA ILE B 107 2.38 16.56 -6.66
C ILE B 107 1.43 16.18 -5.54
N THR B 108 1.71 15.07 -4.88
CA THR B 108 0.81 14.52 -3.88
C THR B 108 1.37 14.74 -2.48
N LEU B 109 0.54 14.40 -1.48
CA LEU B 109 1.03 14.39 -0.10
C LEU B 109 2.18 13.40 0.09
N LEU B 110 2.11 12.25 -0.59
CA LEU B 110 3.24 11.32 -0.56
C LEU B 110 4.53 12.00 -0.98
N HIS B 111 4.50 12.71 -2.10
CA HIS B 111 5.72 13.37 -2.58
C HIS B 111 6.26 14.36 -1.55
N LEU B 112 5.37 15.14 -0.93
CA LEU B 112 5.82 16.09 0.09
C LEU B 112 6.41 15.35 1.29
N ALA B 113 5.75 14.29 1.74
CA ALA B 113 6.16 13.60 2.95
C ALA B 113 7.51 12.91 2.78
N THR B 114 7.84 12.49 1.56
CA THR B 114 8.99 11.65 1.29
C THR B 114 10.05 12.37 0.47
N TYR B 115 9.94 13.68 0.35
CA TYR B 115 10.97 14.50 -0.30
C TYR B 115 11.08 14.21 -1.80
N THR B 116 10.00 13.74 -2.43
CA THR B 116 10.05 13.36 -3.84
C THR B 116 9.20 14.26 -4.73
N ALA B 117 8.87 15.46 -4.25
CA ALA B 117 8.03 16.36 -5.05
C ALA B 117 8.74 16.91 -6.28
N GLY B 118 10.07 16.85 -6.33
CA GLY B 118 10.78 17.33 -7.49
C GLY B 118 11.75 18.47 -7.24
N GLY B 119 12.35 18.52 -6.05
CA GLY B 119 13.39 19.49 -5.78
C GLY B 119 12.98 20.66 -4.92
N LEU B 120 12.02 20.48 -4.03
CA LEU B 120 11.75 21.51 -3.03
C LEU B 120 13.02 21.77 -2.21
N PRO B 121 13.30 23.03 -1.86
CA PRO B 121 14.62 23.34 -1.30
C PRO B 121 14.76 22.89 0.15
N LEU B 122 16.02 22.65 0.52
CA LEU B 122 16.34 22.25 1.87
C LEU B 122 15.76 23.21 2.90
N GLN B 123 15.88 24.52 2.65
CA GLN B 123 15.38 25.54 3.57
C GLN B 123 14.22 26.30 2.95
N VAL B 124 13.19 26.57 3.75
CA VAL B 124 12.25 27.64 3.39
C VAL B 124 13.00 28.97 3.46
N PRO B 125 12.82 29.88 2.49
CA PRO B 125 13.51 31.17 2.56
C PRO B 125 13.25 31.85 3.90
N ASP B 126 14.30 32.45 4.47
CA ASP B 126 14.20 32.88 5.86
C ASP B 126 13.30 34.10 6.09
N GLU B 127 12.95 34.87 5.06
CA GLU B 127 11.97 35.95 5.25
C GLU B 127 10.52 35.47 5.15
N VAL B 128 10.29 34.19 4.86
CA VAL B 128 8.93 33.67 4.87
C VAL B 128 8.44 33.54 6.30
N LYS B 129 7.41 34.28 6.64
CA LYS B 129 6.86 34.23 8.00
C LYS B 129 5.37 33.91 8.00
N SER B 130 4.57 34.62 7.23
CA SER B 130 3.13 34.45 7.27
C SER B 130 2.68 33.36 6.32
N SER B 131 1.39 33.00 6.44
CA SER B 131 0.81 32.04 5.51
C SER B 131 0.79 32.60 4.10
N SER B 132 0.56 33.91 3.95
CA SER B 132 0.62 34.52 2.64
C SER B 132 2.03 34.43 2.05
N ASP B 133 3.06 34.68 2.87
CA ASP B 133 4.44 34.49 2.44
C ASP B 133 4.67 33.06 1.99
N LEU B 134 4.14 32.11 2.75
CA LEU B 134 4.38 30.71 2.46
C LEU B 134 3.70 30.31 1.16
N LEU B 135 2.48 30.80 0.93
CA LEU B 135 1.80 30.49 -0.33
C LEU B 135 2.56 31.08 -1.52
N ARG B 136 3.01 32.32 -1.41
CA ARG B 136 3.73 32.94 -2.52
C ARG B 136 5.01 32.17 -2.82
N PHE B 137 5.70 31.71 -1.78
CA PHE B 137 6.91 30.91 -1.97
C PHE B 137 6.62 29.63 -2.76
N TYR B 138 5.61 28.87 -2.34
CA TYR B 138 5.30 27.62 -3.05
C TYR B 138 4.70 27.87 -4.44
N GLN B 139 3.96 28.96 -4.60
CA GLN B 139 3.42 29.30 -5.92
C GLN B 139 4.52 29.60 -6.93
N ASN B 140 5.66 30.16 -6.50
CA ASN B 140 6.74 30.51 -7.41
C ASN B 140 7.79 29.41 -7.57
N TRP B 141 7.72 28.36 -6.74
CA TRP B 141 8.71 27.30 -6.81
C TRP B 141 8.52 26.48 -8.08
N GLN B 142 9.64 26.17 -8.75
CA GLN B 142 9.66 25.37 -9.98
C GLN B 142 10.41 24.07 -9.77
N PRO B 143 9.80 22.92 -10.09
CA PRO B 143 10.47 21.63 -9.86
C PRO B 143 11.62 21.40 -10.83
N ALA B 144 12.70 20.83 -10.31
CA ALA B 144 13.81 20.39 -11.14
C ALA B 144 13.53 19.06 -11.82
N TRP B 145 12.65 18.24 -11.24
CA TRP B 145 12.31 16.92 -11.75
C TRP B 145 10.81 16.71 -11.68
N ALA B 146 10.33 15.73 -12.45
CA ALA B 146 8.94 15.32 -12.36
C ALA B 146 8.69 14.70 -11.00
N PRO B 147 7.43 14.72 -10.53
CA PRO B 147 7.13 14.16 -9.20
C PRO B 147 7.44 12.68 -9.13
N GLY B 148 7.92 12.24 -7.97
CA GLY B 148 8.10 10.83 -7.70
C GLY B 148 9.25 10.18 -8.45
N THR B 149 10.31 10.92 -8.76
CA THR B 149 11.45 10.38 -9.48
C THR B 149 12.78 10.59 -8.77
N GLN B 150 12.91 11.68 -8.00
CA GLN B 150 14.15 12.01 -7.29
C GLN B 150 13.85 12.37 -5.84
N ARG B 151 14.64 11.83 -4.92
CA ARG B 151 14.59 12.22 -3.51
C ARG B 151 15.59 13.35 -3.23
N LEU B 152 15.10 14.48 -2.73
CA LEU B 152 15.95 15.57 -2.24
C LEU B 152 15.47 15.91 -0.83
N TYR B 153 16.19 15.40 0.15
CA TYR B 153 15.87 15.64 1.55
C TYR B 153 15.71 17.13 1.83
N ALA B 154 14.56 17.53 2.41
CA ALA B 154 14.24 18.96 2.43
C ALA B 154 13.22 19.31 3.50
N ASN B 155 13.51 20.35 4.28
CA ASN B 155 12.53 20.84 5.25
C ASN B 155 11.29 21.41 4.57
N SER B 156 11.45 22.07 3.42
CA SER B 156 10.29 22.68 2.78
C SER B 156 9.34 21.62 2.23
N SER B 157 9.80 20.39 2.10
CA SER B 157 8.95 19.31 1.59
C SER B 157 8.12 18.71 2.72
N ILE B 158 8.78 18.07 3.69
CA ILE B 158 7.99 17.43 4.74
C ILE B 158 7.35 18.47 5.65
N GLY B 159 7.90 19.69 5.70
CA GLY B 159 7.25 20.74 6.45
C GLY B 159 5.86 21.06 5.93
N LEU B 160 5.72 21.20 4.61
CA LEU B 160 4.39 21.44 4.04
C LEU B 160 3.50 20.23 4.22
N PHE B 161 4.05 19.02 4.11
CA PHE B 161 3.25 17.83 4.36
C PHE B 161 2.60 17.91 5.73
N GLY B 162 3.38 18.29 6.75
CA GLY B 162 2.83 18.38 8.09
C GLY B 162 1.72 19.40 8.20
N ALA B 163 1.94 20.60 7.65
CA ALA B 163 0.91 21.64 7.72
C ALA B 163 -0.36 21.21 6.97
N LEU B 164 -0.21 20.52 5.83
CA LEU B 164 -1.41 20.12 5.09
C LEU B 164 -2.10 18.93 5.75
N ALA B 165 -1.33 18.01 6.33
CA ALA B 165 -1.88 16.78 6.89
C ALA B 165 -2.86 17.05 8.03
N VAL B 166 -2.67 18.15 8.76
CA VAL B 166 -3.51 18.41 9.92
C VAL B 166 -4.72 19.25 9.58
N LYS B 167 -4.84 19.72 8.34
CA LYS B 167 -5.94 20.64 8.05
C LYS B 167 -7.30 19.99 8.26
N PRO B 168 -7.54 18.72 7.91
CA PRO B 168 -8.86 18.13 8.20
C PRO B 168 -9.20 18.05 9.68
N SER B 169 -8.21 17.98 10.56
CA SER B 169 -8.49 17.88 11.99
C SER B 169 -9.13 19.14 12.53
N GLY B 170 -8.97 20.28 11.84
CA GLY B 170 -9.36 21.57 12.35
C GLY B 170 -8.40 22.20 13.33
N LEU B 171 -7.37 21.49 13.77
CA LEU B 171 -6.39 21.96 14.75
C LEU B 171 -5.16 22.54 14.07
N SER B 172 -4.46 23.40 14.79
CA SER B 172 -3.11 23.78 14.38
C SER B 172 -2.21 22.55 14.43
N PHE B 173 -1.05 22.65 13.74
CA PHE B 173 -0.11 21.54 13.76
C PHE B 173 0.30 21.19 15.18
N GLU B 174 0.57 22.20 16.02
CA GLU B 174 1.02 21.93 17.39
C GLU B 174 -0.10 21.28 18.20
N GLN B 175 -1.33 21.78 18.05
CA GLN B 175 -2.45 21.18 18.77
C GLN B 175 -2.68 19.74 18.31
N ALA B 176 -2.59 19.49 17.01
CA ALA B 176 -2.73 18.12 16.51
C ALA B 176 -1.66 17.22 17.11
N MET B 177 -0.40 17.67 17.08
CA MET B 177 0.70 16.85 17.57
C MET B 177 0.56 16.57 19.07
N GLN B 178 0.19 17.59 19.85
CA GLN B 178 0.06 17.41 21.29
C GLN B 178 -1.05 16.42 21.62
N THR B 179 -2.22 16.61 21.01
CA THR B 179 -3.38 15.81 21.39
C THR B 179 -3.39 14.42 20.77
N ARG B 180 -2.78 14.25 19.58
CA ARG B 180 -2.87 12.99 18.85
C ARG B 180 -1.62 12.13 18.98
N VAL B 181 -0.48 12.70 19.36
CA VAL B 181 0.74 11.91 19.45
C VAL B 181 1.37 12.03 20.84
N PHE B 182 1.69 13.26 21.27
CA PHE B 182 2.41 13.43 22.54
C PHE B 182 1.62 12.88 23.72
N GLN B 183 0.39 13.36 23.90
CA GLN B 183 -0.40 13.01 25.07
C GLN B 183 -0.81 11.54 25.10
N PRO B 184 -1.26 10.94 23.98
CA PRO B 184 -1.57 9.50 24.03
C PRO B 184 -0.40 8.64 24.41
N LEU B 185 0.82 9.02 24.03
CA LEU B 185 2.00 8.23 24.35
C LEU B 185 2.67 8.67 25.64
N LYS B 186 2.05 9.59 26.37
CA LYS B 186 2.54 10.07 27.67
C LYS B 186 3.91 10.72 27.54
N LEU B 187 4.13 11.44 26.44
CA LEU B 187 5.32 12.28 26.27
C LEU B 187 5.00 13.64 26.88
N ASN B 188 5.07 13.70 28.21
CA ASN B 188 4.61 14.88 28.92
C ASN B 188 5.69 15.94 29.07
N HIS B 189 6.91 15.67 28.59
CA HIS B 189 8.02 16.61 28.60
C HIS B 189 8.62 16.69 27.20
N THR B 190 7.73 16.78 26.22
CA THR B 190 8.08 16.91 24.81
C THR B 190 7.25 18.07 24.26
N TRP B 191 7.89 19.05 23.66
CA TRP B 191 7.16 20.22 23.23
C TRP B 191 7.69 20.79 21.93
N ILE B 192 6.78 21.38 21.18
CA ILE B 192 7.16 22.24 20.07
C ILE B 192 7.56 23.61 20.58
N ASN B 193 6.77 24.17 21.50
CA ASN B 193 7.12 25.39 22.23
C ASN B 193 7.23 25.03 23.70
N VAL B 194 8.43 25.18 24.27
CA VAL B 194 8.68 24.88 25.68
C VAL B 194 7.95 25.92 26.53
N PRO B 195 6.98 25.52 27.36
CA PRO B 195 6.28 26.53 28.16
C PRO B 195 7.21 27.14 29.19
N PRO B 196 6.99 28.40 29.55
CA PRO B 196 7.92 29.12 30.44
C PRO B 196 8.22 28.36 31.74
N PRO B 197 7.24 27.74 32.40
CA PRO B 197 7.57 27.03 33.65
C PRO B 197 8.55 25.88 33.46
N GLU B 198 8.73 25.39 32.23
CA GLU B 198 9.62 24.28 31.93
C GLU B 198 11.00 24.70 31.46
N GLU B 199 11.24 26.01 31.28
CA GLU B 199 12.45 26.47 30.59
C GLU B 199 13.75 26.15 31.33
N LYS B 200 13.71 25.96 32.66
CA LYS B 200 14.94 25.71 33.39
C LYS B 200 15.60 24.39 33.02
N ASN B 201 14.86 23.45 32.42
CA ASN B 201 15.43 22.20 31.93
C ASN B 201 15.92 22.25 30.49
N TYR B 202 15.66 23.34 29.78
CA TYR B 202 16.02 23.45 28.35
C TYR B 202 17.52 23.71 28.25
N ALA B 203 18.28 22.69 27.84
CA ALA B 203 19.72 22.86 27.68
C ALA B 203 20.01 23.94 26.64
N TRP B 204 21.15 24.62 26.80
CA TRP B 204 21.69 25.43 25.72
C TRP B 204 22.50 24.58 24.76
N GLY B 205 22.36 24.87 23.47
CA GLY B 205 23.24 24.28 22.48
C GLY B 205 24.50 25.11 22.34
N TYR B 206 25.55 24.50 21.81
CA TYR B 206 26.85 25.18 21.70
C TYR B 206 27.41 25.02 20.30
N ARG B 207 27.62 26.16 19.63
CA ARG B 207 28.20 26.22 18.30
C ARG B 207 29.40 27.16 18.36
N GLU B 208 30.60 26.61 18.14
CA GLU B 208 31.84 27.38 18.24
C GLU B 208 31.98 27.99 19.64
N GLY B 209 31.63 27.20 20.65
CA GLY B 209 31.72 27.64 22.03
C GLY B 209 30.64 28.62 22.46
N LYS B 210 29.78 29.06 21.55
CA LYS B 210 28.76 30.06 21.84
C LYS B 210 27.42 29.38 22.08
N ALA B 211 26.69 29.85 23.10
CA ALA B 211 25.39 29.25 23.44
C ALA B 211 24.31 29.70 22.46
N VAL B 212 23.54 28.74 21.92
CA VAL B 212 22.53 29.04 20.92
C VAL B 212 21.28 28.18 21.14
N HIS B 213 20.13 28.73 20.77
CA HIS B 213 18.89 27.98 20.64
C HIS B 213 18.34 28.19 19.22
N VAL B 214 17.61 27.20 18.72
CA VAL B 214 17.08 27.32 17.36
C VAL B 214 16.14 28.52 17.29
N SER B 215 16.25 29.29 16.20
CA SER B 215 15.44 30.47 15.96
C SER B 215 14.12 30.10 15.27
N PRO B 216 13.09 30.94 15.40
CA PRO B 216 11.82 30.65 14.71
C PRO B 216 12.01 30.66 13.20
N GLY B 217 11.27 29.80 12.53
CA GLY B 217 11.28 29.79 11.09
C GLY B 217 10.01 29.14 10.59
N ALA B 218 9.65 29.47 9.36
CA ALA B 218 8.44 28.91 8.78
C ALA B 218 8.53 27.39 8.74
N LEU B 219 7.44 26.74 9.14
CA LEU B 219 7.34 25.27 9.17
C LEU B 219 8.36 24.65 10.12
N ASP B 220 8.83 25.41 11.12
CA ASP B 220 9.82 24.84 12.03
C ASP B 220 9.24 23.70 12.86
N ALA B 221 8.02 23.87 13.38
CA ALA B 221 7.41 22.80 14.18
C ALA B 221 7.39 21.49 13.41
N GLU B 222 7.01 21.55 12.13
CA GLU B 222 6.84 20.35 11.31
C GLU B 222 8.16 19.71 10.92
N ALA B 223 9.21 20.51 10.74
CA ALA B 223 10.45 19.98 10.16
C ALA B 223 11.58 19.81 11.16
N TYR B 224 11.68 20.66 12.18
CA TYR B 224 12.84 20.55 13.07
C TYR B 224 12.63 21.14 14.46
N GLY B 225 11.41 21.37 14.91
CA GLY B 225 11.27 22.20 16.09
C GLY B 225 10.85 21.53 17.38
N VAL B 226 11.01 20.21 17.51
CA VAL B 226 10.60 19.53 18.74
C VAL B 226 11.77 19.48 19.72
N LYS B 227 11.46 19.69 21.00
CA LYS B 227 12.39 19.52 22.11
C LYS B 227 11.89 18.41 23.04
N SER B 228 12.80 17.59 23.57
CA SER B 228 12.35 16.47 24.38
C SER B 228 13.46 16.05 25.34
N THR B 229 13.08 15.23 26.32
CA THR B 229 14.00 14.66 27.29
C THR B 229 14.45 13.28 26.86
N ILE B 230 15.48 12.77 27.55
CA ILE B 230 15.95 11.43 27.21
C ILE B 230 14.92 10.38 27.58
N GLU B 231 14.10 10.66 28.61
CA GLU B 231 13.07 9.71 29.02
C GLU B 231 11.93 9.65 28.01
N ASP B 232 11.45 10.82 27.57
CA ASP B 232 10.39 10.83 26.56
C ASP B 232 10.86 10.22 25.25
N MET B 233 12.11 10.48 24.86
CA MET B 233 12.58 9.93 23.60
C MET B 233 12.73 8.41 23.67
N ALA B 234 13.11 7.86 24.82
CA ALA B 234 13.08 6.41 24.99
C ALA B 234 11.65 5.86 24.88
N ARG B 235 10.69 6.59 25.45
CA ARG B 235 9.29 6.20 25.30
C ARG B 235 8.83 6.30 23.84
N TRP B 236 9.33 7.31 23.12
CA TRP B 236 9.03 7.43 21.69
C TRP B 236 9.57 6.23 20.93
N VAL B 237 10.82 5.86 21.18
CA VAL B 237 11.39 4.69 20.49
C VAL B 237 10.61 3.44 20.84
N ARG B 238 10.29 3.27 22.12
CA ARG B 238 9.53 2.08 22.52
C ARG B 238 8.19 2.01 21.80
N SER B 239 7.51 3.15 21.66
CA SER B 239 6.21 3.17 21.01
C SER B 239 6.31 2.82 19.53
N ASN B 240 7.38 3.27 18.88
CA ASN B 240 7.57 2.96 17.46
C ASN B 240 8.12 1.56 17.25
N MET B 241 8.79 1.00 18.24
CA MET B 241 9.28 -0.36 18.12
C MET B 241 8.15 -1.37 18.24
N ASN B 242 7.19 -1.10 19.13
CA ASN B 242 6.10 -2.04 19.41
C ASN B 242 4.75 -1.30 19.35
N PRO B 243 4.32 -0.90 18.14
CA PRO B 243 3.06 -0.14 18.02
C PRO B 243 1.81 -0.92 18.40
N ARG B 244 1.83 -2.25 18.35
CA ARG B 244 0.63 -2.98 18.79
C ARG B 244 0.43 -2.89 20.29
N ASP B 245 1.39 -2.35 21.03
CA ASP B 245 1.22 -2.18 22.47
C ASP B 245 0.43 -0.93 22.82
N ILE B 246 0.07 -0.11 21.83
CA ILE B 246 -0.69 1.13 22.04
C ILE B 246 -2.17 0.86 21.81
N ASN B 247 -3.00 1.31 22.76
CA ASN B 247 -4.45 1.08 22.73
C ASN B 247 -5.22 2.12 21.91
N ASP B 248 -4.52 3.09 21.31
CA ASP B 248 -5.13 4.07 20.43
C ASP B 248 -5.06 3.54 18.99
N LYS B 249 -6.20 3.20 18.41
CA LYS B 249 -6.20 2.45 17.16
C LYS B 249 -5.58 3.25 16.01
N THR B 250 -6.06 4.47 15.76
CA THR B 250 -5.51 5.20 14.62
C THR B 250 -4.05 5.57 14.83
N LEU B 251 -3.63 5.78 16.08
CA LEU B 251 -2.23 6.10 16.32
C LEU B 251 -1.36 4.87 16.10
N GLN B 252 -1.80 3.71 16.59
CA GLN B 252 -1.09 2.47 16.33
C GLN B 252 -0.94 2.25 14.82
N GLN B 253 -2.02 2.45 14.06
CA GLN B 253 -1.94 2.29 12.61
C GLN B 253 -0.99 3.31 11.98
N GLY B 254 -1.04 4.55 12.47
CA GLY B 254 -0.18 5.59 11.93
C GLY B 254 1.29 5.30 12.17
N ILE B 255 1.63 4.79 13.36
CA ILE B 255 2.99 4.37 13.62
C ILE B 255 3.43 3.32 12.61
N GLN B 256 2.55 2.35 12.32
CA GLN B 256 2.94 1.33 11.37
CA GLN B 256 2.90 1.32 11.35
C GLN B 256 3.11 1.91 9.96
N LEU B 257 2.23 2.84 9.56
CA LEU B 257 2.34 3.42 8.22
C LEU B 257 3.60 4.25 8.04
N ALA B 258 4.12 4.82 9.12
CA ALA B 258 5.33 5.62 9.02
C ALA B 258 6.56 4.76 8.77
N GLN B 259 6.48 3.45 9.06
CA GLN B 259 7.55 2.52 8.75
C GLN B 259 7.27 1.67 7.51
N SER B 260 6.18 1.94 6.80
CA SER B 260 6.02 1.34 5.48
C SER B 260 7.14 1.84 4.58
N ARG B 261 7.54 1.01 3.62
CA ARG B 261 8.63 1.37 2.71
C ARG B 261 8.02 1.85 1.40
N TYR B 262 8.06 3.16 1.18
CA TYR B 262 7.41 3.78 0.03
C TYR B 262 8.34 3.93 -1.17
N TRP B 263 9.63 4.13 -0.91
CA TRP B 263 10.62 4.34 -1.95
C TRP B 263 11.88 3.62 -1.54
N GLN B 264 12.67 3.22 -2.52
CA GLN B 264 13.99 2.67 -2.27
C GLN B 264 15.02 3.58 -2.92
N THR B 265 16.11 3.83 -2.20
CA THR B 265 17.26 4.55 -2.76
C THR B 265 18.51 3.88 -2.23
N GLY B 266 19.31 3.32 -3.13
CA GLY B 266 20.47 2.57 -2.67
C GLY B 266 20.04 1.46 -1.73
N ASP B 267 20.65 1.46 -0.54
CA ASP B 267 20.38 0.47 0.50
C ASP B 267 19.26 0.89 1.45
N MET B 268 18.65 2.05 1.27
CA MET B 268 17.72 2.51 2.28
C MET B 268 16.31 2.64 1.70
N TYR B 269 15.34 2.64 2.62
CA TYR B 269 13.94 2.78 2.31
C TYR B 269 13.39 4.00 3.04
N GLN B 270 12.57 4.79 2.34
CA GLN B 270 12.00 6.00 2.90
C GLN B 270 10.62 5.71 3.45
N GLY B 271 10.44 5.92 4.75
CA GLY B 271 9.15 5.91 5.38
C GLY B 271 8.58 7.31 5.49
N LEU B 272 7.71 7.51 6.47
CA LEU B 272 7.22 8.84 6.81
C LEU B 272 8.08 9.32 7.97
N GLY B 273 9.03 10.19 7.68
CA GLY B 273 9.97 10.61 8.71
C GLY B 273 11.05 9.59 8.95
N TRP B 274 10.68 8.38 9.40
CA TRP B 274 11.65 7.32 9.59
C TRP B 274 12.28 6.88 8.26
N GLU B 275 13.53 6.45 8.35
CA GLU B 275 14.24 5.78 7.27
C GLU B 275 14.64 4.39 7.74
N MET B 276 14.73 3.44 6.80
CA MET B 276 14.88 2.03 7.17
C MET B 276 15.90 1.33 6.27
N LEU B 277 16.67 0.42 6.88
CA LEU B 277 17.49 -0.52 6.13
C LEU B 277 17.22 -1.92 6.66
N ASP B 278 17.40 -2.93 5.80
CA ASP B 278 17.28 -4.30 6.24
C ASP B 278 18.36 -4.63 7.26
N TRP B 279 17.96 -5.36 8.30
CA TRP B 279 18.85 -5.87 9.32
C TRP B 279 19.07 -7.38 9.14
N PRO B 280 20.31 -7.87 9.29
CA PRO B 280 21.52 -7.13 9.67
C PRO B 280 21.99 -6.16 8.61
N VAL B 281 22.43 -4.98 9.04
CA VAL B 281 22.87 -3.94 8.13
C VAL B 281 24.38 -3.85 8.23
N ASN B 282 25.00 -3.54 7.13
CA ASN B 282 26.43 -3.28 7.12
C ASN B 282 26.68 -1.86 7.66
N PRO B 283 27.53 -1.70 8.67
CA PRO B 283 27.71 -0.35 9.25
C PRO B 283 28.14 0.70 8.25
N ASP B 284 28.88 0.31 7.19
CA ASP B 284 29.25 1.25 6.14
C ASP B 284 28.04 1.69 5.32
N SER B 285 27.00 0.85 5.26
CA SER B 285 25.80 1.20 4.49
C SER B 285 25.04 2.36 5.12
N ILE B 286 25.15 2.52 6.44
CA ILE B 286 24.51 3.64 7.12
C ILE B 286 25.42 4.87 7.02
N ALA B 299 22.32 16.05 -1.54
CA ALA B 299 22.35 15.61 -2.92
C ALA B 299 21.08 14.84 -3.28
N ALA B 300 20.68 14.93 -4.53
CA ALA B 300 19.45 14.29 -4.99
C ALA B 300 19.75 12.92 -5.56
N HIS B 301 18.91 11.95 -5.21
CA HIS B 301 19.09 10.58 -5.69
C HIS B 301 17.79 10.05 -6.29
N PRO B 302 17.88 9.31 -7.39
CA PRO B 302 16.66 8.72 -7.98
C PRO B 302 16.00 7.72 -7.03
N VAL B 303 14.68 7.70 -7.04
CA VAL B 303 13.91 6.76 -6.22
C VAL B 303 13.14 5.82 -7.12
N LYS B 304 12.91 4.62 -6.59
CA LYS B 304 12.01 3.64 -7.19
C LYS B 304 10.81 3.46 -6.26
N ALA B 305 9.60 3.64 -6.79
CA ALA B 305 8.41 3.34 -6.01
C ALA B 305 8.38 1.86 -5.65
N ILE B 306 7.96 1.57 -4.43
CA ILE B 306 7.76 0.20 -3.96
C ILE B 306 6.27 -0.07 -3.87
N THR B 307 5.80 -1.05 -4.64
CA THR B 307 4.38 -1.26 -4.83
C THR B 307 3.98 -2.71 -4.61
N PRO B 308 3.10 -2.97 -3.64
CA PRO B 308 2.56 -2.01 -2.67
C PRO B 308 3.69 -1.58 -1.72
N PRO B 309 3.54 -0.47 -1.00
CA PRO B 309 4.60 -0.11 -0.05
C PRO B 309 4.77 -1.26 0.94
N THR B 310 6.01 -1.59 1.26
CA THR B 310 6.24 -2.78 2.08
C THR B 310 5.73 -2.54 3.50
N PRO B 311 4.90 -3.42 4.05
CA PRO B 311 4.47 -3.23 5.45
C PRO B 311 5.68 -3.30 6.35
N ALA B 312 5.65 -2.48 7.41
CA ALA B 312 6.79 -2.32 8.31
C ALA B 312 7.49 -3.65 8.57
N VAL B 313 8.78 -3.70 8.23
CA VAL B 313 9.58 -4.91 8.36
C VAL B 313 10.23 -4.91 9.74
N ARG B 314 9.92 -5.90 10.57
CA ARG B 314 10.49 -5.89 11.92
C ARG B 314 12.01 -6.04 11.90
N ALA B 315 12.56 -6.82 10.96
CA ALA B 315 14.01 -6.98 10.85
C ALA B 315 14.60 -5.81 10.07
N SER B 316 14.50 -4.62 10.67
CA SER B 316 14.98 -3.39 10.06
C SER B 316 15.82 -2.60 11.04
N TRP B 317 16.77 -1.85 10.50
CA TRP B 317 17.40 -0.74 11.21
C TRP B 317 16.56 0.49 10.89
N VAL B 318 15.78 0.95 11.85
CA VAL B 318 14.93 2.13 11.70
C VAL B 318 15.64 3.27 12.40
N HIS B 319 15.81 4.40 11.73
CA HIS B 319 16.62 5.45 12.34
C HIS B 319 16.29 6.81 11.77
N LYS B 320 16.78 7.85 12.45
CA LYS B 320 16.72 9.21 11.94
C LYS B 320 17.77 10.06 12.65
N THR B 321 18.52 10.84 11.88
CA THR B 321 19.46 11.82 12.43
C THR B 321 18.78 13.18 12.56
N GLY B 322 19.35 14.03 13.41
CA GLY B 322 18.87 15.39 13.50
C GLY B 322 19.93 16.33 14.03
N ALA B 323 19.85 17.58 13.58
CA ALA B 323 20.77 18.58 14.10
C ALA B 323 20.09 19.94 14.05
N THR B 324 20.46 20.78 14.99
CA THR B 324 20.25 22.22 14.89
C THR B 324 21.61 22.88 15.00
N GLY B 325 21.63 24.21 15.05
CA GLY B 325 22.90 24.90 15.18
C GLY B 325 23.72 24.41 16.36
N GLY B 326 23.06 24.13 17.48
CA GLY B 326 23.79 23.78 18.69
C GLY B 326 23.54 22.38 19.22
N PHE B 327 22.83 21.53 18.47
CA PHE B 327 22.48 20.21 18.96
C PHE B 327 22.68 19.16 17.88
N GLY B 328 22.97 17.93 18.32
CA GLY B 328 23.00 16.78 17.43
C GLY B 328 22.30 15.59 18.06
N SER B 329 21.36 14.99 17.34
CA SER B 329 20.53 13.91 17.86
C SER B 329 20.53 12.72 16.92
N TYR B 330 20.29 11.55 17.49
CA TYR B 330 20.19 10.32 16.70
C TYR B 330 19.31 9.32 17.43
N VAL B 331 18.46 8.64 16.66
CA VAL B 331 17.59 7.59 17.16
C VAL B 331 17.69 6.42 16.19
N ALA B 332 17.80 5.21 16.74
CA ALA B 332 17.84 4.02 15.91
C ALA B 332 17.26 2.85 16.68
N PHE B 333 16.56 1.97 16.00
CA PHE B 333 16.05 0.78 16.69
C PHE B 333 15.85 -0.35 15.69
N ILE B 334 15.78 -1.56 16.25
CA ILE B 334 15.63 -2.80 15.50
C ILE B 334 14.46 -3.55 16.12
N PRO B 335 13.25 -3.42 15.56
CA PRO B 335 12.08 -4.02 16.21
C PRO B 335 12.20 -5.52 16.45
N GLU B 336 12.82 -6.25 15.52
CA GLU B 336 12.94 -7.71 15.67
C GLU B 336 13.69 -8.08 16.93
N LYS B 337 14.67 -7.26 17.34
CA LYS B 337 15.52 -7.56 18.48
C LYS B 337 15.12 -6.79 19.74
N GLU B 338 14.05 -5.99 19.69
CA GLU B 338 13.60 -5.19 20.83
C GLU B 338 14.73 -4.31 21.36
N LEU B 339 15.48 -3.70 20.45
CA LEU B 339 16.73 -3.03 20.77
C LEU B 339 16.69 -1.63 20.16
N GLY B 340 17.07 -0.61 20.94
CA GLY B 340 17.07 0.71 20.37
C GLY B 340 17.94 1.63 21.18
N ILE B 341 18.22 2.81 20.63
CA ILE B 341 19.06 3.78 21.32
C ILE B 341 18.65 5.19 20.93
N VAL B 342 18.79 6.12 21.89
CA VAL B 342 18.63 7.55 21.68
C VAL B 342 19.91 8.22 22.13
N MET B 343 20.42 9.14 21.32
CA MET B 343 21.63 9.90 21.65
C MET B 343 21.35 11.39 21.46
N LEU B 344 21.33 12.14 22.57
CA LEU B 344 21.06 13.57 22.53
C LEU B 344 22.27 14.31 23.06
N ALA B 345 22.75 15.29 22.30
CA ALA B 345 23.93 16.07 22.66
C ALA B 345 23.67 17.54 22.38
N ASN B 346 24.23 18.42 23.20
CA ASN B 346 24.07 19.86 22.94
C ASN B 346 25.30 20.44 22.24
N LYS B 347 25.75 19.72 21.23
CA LYS B 347 26.66 20.20 20.19
C LYS B 347 26.37 19.40 18.94
N ASN B 348 26.33 20.07 17.79
CA ASN B 348 26.16 19.41 16.49
C ASN B 348 27.51 18.86 16.04
N TYR B 349 27.66 17.54 16.08
CA TYR B 349 28.85 16.81 15.67
C TYR B 349 28.52 15.84 14.53
N PRO B 350 29.52 15.39 13.77
CA PRO B 350 29.25 14.72 12.48
C PRO B 350 28.37 13.47 12.59
N ASN B 351 27.43 13.36 11.65
CA ASN B 351 26.54 12.20 11.58
C ASN B 351 27.25 10.85 11.61
N PRO B 352 28.33 10.63 10.84
CA PRO B 352 28.98 9.31 10.89
C PRO B 352 29.45 8.93 12.29
N ALA B 353 29.85 9.91 13.10
CA ALA B 353 30.24 9.62 14.47
C ALA B 353 29.05 9.12 15.28
N ARG B 354 27.87 9.70 15.06
CA ARG B 354 26.69 9.24 15.76
C ARG B 354 26.34 7.82 15.36
N VAL B 355 26.29 7.56 14.06
CA VAL B 355 25.85 6.25 13.59
C VAL B 355 26.82 5.16 14.04
N ALA B 356 28.12 5.45 13.99
CA ALA B 356 29.11 4.44 14.36
C ALA B 356 28.96 4.05 15.82
N ALA B 357 28.75 5.02 16.70
CA ALA B 357 28.57 4.71 18.12
C ALA B 357 27.30 3.92 18.37
N ALA B 358 26.19 4.29 17.72
CA ALA B 358 24.95 3.58 17.94
C ALA B 358 25.04 2.14 17.44
N TRP B 359 25.65 1.94 16.28
CA TRP B 359 25.74 0.58 15.75
C TRP B 359 26.60 -0.28 16.67
N GLN B 360 27.76 0.25 17.10
CA GLN B 360 28.63 -0.51 17.98
C GLN B 360 27.90 -0.93 19.25
N ILE B 361 27.05 -0.04 19.80
CA ILE B 361 26.30 -0.37 21.01
C ILE B 361 25.23 -1.42 20.72
N LEU B 362 24.39 -1.18 19.71
CA LEU B 362 23.32 -2.14 19.44
C LEU B 362 23.89 -3.48 18.94
N ASN B 363 25.01 -3.45 18.22
CA ASN B 363 25.60 -4.70 17.74
C ASN B 363 26.08 -5.56 18.90
N ALA B 364 26.64 -4.93 19.94
CA ALA B 364 27.13 -5.68 21.08
C ALA B 364 26.00 -6.26 21.94
N LEU B 365 24.77 -5.77 21.81
CA LEU B 365 23.71 -6.18 22.70
C LEU B 365 22.69 -7.12 22.07
N GLN B 366 22.88 -7.52 20.82
CA GLN B 366 21.90 -8.40 20.17
C GLN B 366 22.07 -9.87 20.55
S SO4 C . -13.90 -19.62 -26.42
O1 SO4 C . -13.92 -18.34 -25.71
O2 SO4 C . -12.56 -20.19 -26.37
O3 SO4 C . -14.30 -19.42 -27.81
O4 SO4 C . -14.85 -20.54 -25.76
S SO4 D . -15.29 -9.59 -19.97
O1 SO4 D . -15.66 -8.62 -21.01
O2 SO4 D . -15.07 -8.84 -18.73
O3 SO4 D . -16.36 -10.55 -19.77
O4 SO4 D . -14.09 -10.31 -20.33
S SO4 E . 19.70 16.48 9.56
O1 SO4 E . 19.11 17.55 10.39
O2 SO4 E . 20.46 15.54 10.37
O3 SO4 E . 18.67 15.71 8.87
O4 SO4 E . 20.58 17.07 8.55
#